data_4J2T
#
_entry.id   4J2T
#
_cell.length_a   70.900
_cell.length_b   70.900
_cell.length_c   587.600
_cell.angle_alpha   90.00
_cell.angle_beta   90.00
_cell.angle_gamma   90.00
#
_symmetry.space_group_name_H-M   'P 41 21 2'
#
loop_
_entity.id
_entity.type
_entity.pdbx_description
1 polymer SERCA1a
2 non-polymer '(3S,3aR,4S,6S,6aR,7S,8S,9bS)-6-(acetyloxy)-3a,4-bis(butanoyloxy)-3-hydroxy-3,6,9-trimethyl-8-{[(2E)-2-methylbut-2-enoyl]oxy}-2-oxo-2,3,3a,4,5,6,6a,7,8,9b-decahydroazuleno[4,5-b]furan-7-yl octanoate'
3 non-polymer PHOSPHATIDYLETHANOLAMINE
4 non-polymer 'POTASSIUM ION'
5 water water
#
_entity_poly.entity_id   1
_entity_poly.type   'polypeptide(L)'
_entity_poly.pdbx_seq_one_letter_code
;MEAAHSKSTEECLAYFGVSETTGLTPDQVKRHLEKYGHNELPAEEGKSLWELVIEQFEDLLVRILLLAACISFVLAWFEE
GEETITAFVEPFVILLILIANAIVGVWQERNAENAIEALKEYEPEMGKVYRADRKSVQRIKARDIVPGDIVEVAVGDKVP
ADIRILSIKSTTLRVDQSILTGESVSVIKHTEPVPDPRAVNQDKKNMLFSGTNIAAGKALGIVATTGVSTEIGKIRDQMA
ATEQDKTPLQQKLDEFGEQLSKVISLICVAVWLINIGHFNDPVHGGSWIRGAIYYFKIAVALAVAAIPEGLPAVITTCLA
LGTRRMAKKNAIVRSLPSVETLGCTSVICSDKTGTLTTNQMSVCKMFIIDKVDGDFCSLNEFSITGSTYAPEGEVLKNDK
PIRSGQFDGLVELATICALCNDSSLDFNETKGVYEKVGEATETALTTLVEKMNVFNTEVRNLSKVERANACNSVIRQLMK
KEFTLEFSRDRKSMSVYCSPAKSSRAAVGNKMFVKGAPEGVIDRCNYVRVGTTRVPMTGPVKEKILSVIKEWGTGRDTLR
CLALATRDTPPKREEMVLDDSSRFMEYETDLTFVGVVGMLDPPRKEVMGSIQLCRDAGIRVIMITGDNKGTAIAICRRIG
IFGENEEVADRAYTGREFDDLPLAEQREACRRACCFARVEPSHKSKIVEYLQSYDEITAMTGDGVNDAPALKKAEIGIAM
GSGTAVAKTASEMVLADDNFSTIVAAVEEGRAIYNNMKQFIRYLISSNVGEVVCIFLTAALGLPEALIPVQLLWVNLVTD
GLPATALGFNPPDLDIMDRPPRSPKEPLISGWLFFRYMAIGGYVGAATVGAAAWWFMYAEDGPGVTYHQLTHFMQCTEDH
PHFEGLDCEIFEAPEPMTMALSVLVTIEMCNALNSLSENQSLMRMPPWVNIWLLGSICLSMSLHFLILYVDPLPMIFKLK
ALDLTQWLMVLKISLPVIGLDEILKFIARNYLEG
;
_entity_poly.pdbx_strand_id   A
#
loop_
_chem_comp.id
_chem_comp.type
_chem_comp.name
_chem_comp.formula
1HT non-polymer '(3S,3aR,4S,6S,6aR,7S,8S,9bS)-6-(acetyloxy)-3a,4-bis(butanoyloxy)-3-hydroxy-3,6,9-trimethyl-8-{[(2E)-2-methylbut-2-enoyl]oxy}-2-oxo-2,3,3a,4,5,6,6a,7,8,9b-decahydroazuleno[4,5-b]furan-7-yl octanoate' 'C38 H56 O13'
K non-polymer 'POTASSIUM ION' 'K 1'
PTY non-polymer PHOSPHATIDYLETHANOLAMINE 'C40 H80 N O8 P'
#
# COMPACT_ATOMS: atom_id res chain seq x y z
N MET A 1 -34.95 -0.21 8.41
CA MET A 1 -33.63 -0.90 8.31
C MET A 1 -33.45 -1.77 9.53
N GLU A 2 -32.87 -2.95 9.37
CA GLU A 2 -32.73 -3.81 10.54
C GLU A 2 -31.57 -4.81 10.61
N ALA A 3 -31.78 -5.87 11.40
CA ALA A 3 -30.82 -6.98 11.58
C ALA A 3 -31.56 -8.20 11.03
N ALA A 4 -32.24 -7.97 9.91
CA ALA A 4 -33.08 -8.92 9.20
C ALA A 4 -32.60 -10.36 9.02
N HIS A 5 -31.29 -10.56 8.93
CA HIS A 5 -30.78 -11.91 8.72
C HIS A 5 -31.22 -12.90 9.81
N SER A 6 -31.40 -12.40 11.02
CA SER A 6 -31.79 -13.24 12.15
C SER A 6 -33.31 -13.32 12.29
N LYS A 7 -33.99 -12.30 11.80
CA LYS A 7 -35.45 -12.22 11.84
C LYS A 7 -36.05 -13.12 10.74
N SER A 8 -37.30 -13.53 10.90
CA SER A 8 -37.95 -14.38 9.92
C SER A 8 -38.68 -13.51 8.89
N THR A 9 -38.99 -14.10 7.73
CA THR A 9 -39.68 -13.40 6.65
C THR A 9 -40.89 -12.57 7.11
N GLU A 10 -41.72 -13.15 7.97
CA GLU A 10 -42.91 -12.47 8.46
C GLU A 10 -42.50 -11.28 9.29
N GLU A 11 -41.76 -11.56 10.35
CA GLU A 11 -41.28 -10.53 11.24
C GLU A 11 -40.81 -9.31 10.45
N CYS A 12 -40.19 -9.54 9.29
CA CYS A 12 -39.72 -8.43 8.48
C CYS A 12 -40.85 -7.75 7.76
N LEU A 13 -41.82 -8.54 7.31
CA LEU A 13 -42.96 -7.96 6.62
C LEU A 13 -43.78 -7.25 7.66
N ALA A 14 -43.58 -7.67 8.90
CA ALA A 14 -44.26 -7.08 10.03
C ALA A 14 -43.61 -5.72 10.30
N TYR A 15 -42.33 -5.76 10.68
CA TYR A 15 -41.57 -4.55 10.96
C TYR A 15 -41.97 -3.36 10.08
N PHE A 16 -41.76 -3.50 8.78
CA PHE A 16 -42.08 -2.43 7.85
C PHE A 16 -43.57 -2.32 7.62
N GLY A 17 -44.28 -3.39 8.00
CA GLY A 17 -45.71 -3.41 7.79
C GLY A 17 -45.99 -3.23 6.31
N VAL A 18 -45.46 -4.14 5.50
CA VAL A 18 -45.65 -4.08 4.07
C VAL A 18 -46.16 -5.43 3.61
N SER A 19 -47.04 -5.42 2.62
CA SER A 19 -47.66 -6.61 2.05
C SER A 19 -46.75 -7.20 0.98
N GLU A 20 -46.42 -8.48 1.14
CA GLU A 20 -45.54 -9.16 0.20
C GLU A 20 -46.10 -9.19 -1.21
N THR A 21 -47.41 -9.05 -1.34
CA THR A 21 -48.04 -9.09 -2.65
C THR A 21 -48.32 -7.72 -3.26
N THR A 22 -48.47 -6.71 -2.42
CA THR A 22 -48.74 -5.36 -2.90
C THR A 22 -47.48 -4.51 -2.94
N GLY A 23 -46.59 -4.77 -1.98
CA GLY A 23 -45.38 -3.98 -1.88
C GLY A 23 -45.69 -2.79 -1.01
N LEU A 24 -44.87 -1.74 -1.10
CA LEU A 24 -45.16 -0.57 -0.32
C LEU A 24 -46.21 0.23 -1.05
N THR A 25 -46.96 1.01 -0.30
CA THR A 25 -47.99 1.84 -0.88
C THR A 25 -47.34 3.18 -1.16
N PRO A 26 -47.72 3.83 -2.27
CA PRO A 26 -47.14 5.14 -2.62
C PRO A 26 -47.00 6.10 -1.45
N ASP A 27 -47.84 5.93 -0.43
CA ASP A 27 -47.75 6.78 0.76
C ASP A 27 -46.58 6.29 1.58
N GLN A 28 -46.57 4.99 1.85
CA GLN A 28 -45.49 4.38 2.61
C GLN A 28 -44.14 4.78 2.03
N VAL A 29 -44.08 4.87 0.70
CA VAL A 29 -42.84 5.24 0.02
C VAL A 29 -42.40 6.65 0.39
N LYS A 30 -43.30 7.62 0.35
CA LYS A 30 -42.93 8.98 0.71
C LYS A 30 -42.49 9.04 2.16
N ARG A 31 -43.29 8.43 3.03
CA ARG A 31 -42.97 8.40 4.45
C ARG A 31 -41.59 7.76 4.67
N HIS A 32 -41.41 6.53 4.19
CA HIS A 32 -40.15 5.78 4.31
C HIS A 32 -38.90 6.50 3.79
N LEU A 33 -39.00 7.15 2.63
CA LEU A 33 -37.88 7.86 2.00
C LEU A 33 -37.42 9.05 2.84
N GLU A 34 -38.38 9.84 3.32
CA GLU A 34 -38.10 10.99 4.15
C GLU A 34 -37.55 10.56 5.53
N LYS A 35 -37.65 9.28 5.83
CA LYS A 35 -37.15 8.78 7.12
C LYS A 35 -35.82 8.03 7.01
N TYR A 36 -35.54 7.50 5.83
CA TYR A 36 -34.32 6.72 5.61
C TYR A 36 -33.43 7.29 4.51
N GLY A 37 -33.87 8.39 3.90
CA GLY A 37 -33.10 9.02 2.85
C GLY A 37 -33.01 8.20 1.57
N HIS A 38 -32.33 8.73 0.58
CA HIS A 38 -32.18 8.01 -0.68
C HIS A 38 -31.22 6.85 -0.49
N ASN A 39 -31.38 5.82 -1.31
CA ASN A 39 -30.52 4.65 -1.24
C ASN A 39 -29.34 4.87 -2.17
N GLU A 40 -28.52 5.61 -1.64
CA GLU A 40 -27.31 5.95 -2.40
C GLU A 40 -26.23 6.32 -1.39
N LEU A 41 -24.98 6.39 -1.85
CA LEU A 41 -23.87 6.75 -0.96
C LEU A 41 -23.65 8.25 -0.97
N PRO A 42 -23.32 8.82 0.21
CA PRO A 42 -23.08 10.26 0.36
C PRO A 42 -22.38 10.92 -0.80
N ALA A 43 -22.94 12.05 -1.23
CA ALA A 43 -22.40 12.83 -2.32
C ALA A 43 -20.94 13.11 -2.03
N GLU A 44 -20.18 13.40 -3.10
CA GLU A 44 -18.76 13.71 -3.00
C GLU A 44 -18.60 15.09 -2.36
N GLU A 45 -17.50 15.29 -1.65
CA GLU A 45 -17.25 16.59 -1.04
C GLU A 45 -17.01 17.58 -2.18
N GLY A 46 -17.51 18.81 -2.03
CA GLY A 46 -17.33 19.78 -3.09
C GLY A 46 -16.14 20.72 -2.99
N LYS A 47 -15.10 20.44 -3.77
CA LYS A 47 -13.90 21.29 -3.79
C LYS A 47 -13.84 22.00 -5.14
N SER A 48 -13.45 23.27 -5.06
CA SER A 48 -13.31 24.13 -6.22
C SER A 48 -11.86 24.26 -6.64
N LEU A 49 -11.65 24.57 -7.93
CA LEU A 49 -10.32 24.86 -8.45
C LEU A 49 -9.74 25.94 -7.55
N TRP A 50 -10.58 26.91 -7.22
CA TRP A 50 -10.26 27.96 -6.26
C TRP A 50 -9.67 27.43 -4.96
N GLU A 51 -10.45 26.64 -4.21
CA GLU A 51 -9.93 26.08 -2.98
C GLU A 51 -8.65 25.33 -3.26
N LEU A 52 -8.66 24.57 -4.35
CA LEU A 52 -7.51 23.78 -4.75
C LEU A 52 -6.28 24.66 -5.00
N VAL A 53 -6.48 25.81 -5.63
CA VAL A 53 -5.36 26.71 -5.88
C VAL A 53 -4.96 27.36 -4.58
N ILE A 54 -5.92 27.90 -3.84
CA ILE A 54 -5.63 28.54 -2.57
C ILE A 54 -4.81 27.60 -1.71
N GLU A 55 -5.13 26.31 -1.76
CA GLU A 55 -4.40 25.32 -0.98
C GLU A 55 -2.91 25.36 -1.36
N GLN A 56 -2.63 25.48 -2.65
CA GLN A 56 -1.25 25.53 -3.10
C GLN A 56 -0.57 26.69 -2.40
N PHE A 57 -1.30 27.78 -2.20
CA PHE A 57 -0.73 28.97 -1.57
C PHE A 57 -0.94 29.04 -0.07
N GLU A 58 -1.03 27.88 0.57
CA GLU A 58 -1.22 27.83 2.00
C GLU A 58 0.09 27.61 2.72
N ASP A 59 0.96 26.81 2.12
CA ASP A 59 2.26 26.52 2.71
C ASP A 59 2.83 27.84 3.24
N LEU A 60 3.61 27.77 4.30
CA LEU A 60 4.21 28.96 4.86
C LEU A 60 5.27 29.51 3.92
N LEU A 61 6.23 28.67 3.53
CA LEU A 61 7.27 29.13 2.64
C LEU A 61 6.71 29.69 1.34
N VAL A 62 5.74 29.00 0.75
CA VAL A 62 5.16 29.45 -0.51
C VAL A 62 4.62 30.86 -0.35
N ARG A 63 4.13 31.14 0.85
CA ARG A 63 3.61 32.47 1.15
C ARG A 63 4.77 33.42 1.24
N ILE A 64 5.74 33.10 2.12
CA ILE A 64 6.91 33.94 2.27
C ILE A 64 7.44 34.33 0.90
N LEU A 65 7.43 33.38 -0.02
CA LEU A 65 7.89 33.65 -1.37
C LEU A 65 6.93 34.57 -2.09
N LEU A 66 5.64 34.26 -2.05
CA LEU A 66 4.67 35.11 -2.72
C LEU A 66 4.81 36.56 -2.24
N LEU A 67 5.01 36.75 -0.93
CA LEU A 67 5.18 38.09 -0.39
C LEU A 67 6.37 38.77 -1.07
N ALA A 68 7.56 38.18 -0.94
CA ALA A 68 8.77 38.71 -1.54
C ALA A 68 8.57 38.98 -3.03
N ALA A 69 7.78 38.12 -3.67
CA ALA A 69 7.49 38.27 -5.09
C ALA A 69 6.85 39.63 -5.34
N CYS A 70 6.30 40.23 -4.29
CA CYS A 70 5.66 41.53 -4.40
C CYS A 70 6.64 42.63 -4.05
N ILE A 71 7.30 42.52 -2.90
CA ILE A 71 8.28 43.53 -2.53
C ILE A 71 9.10 43.73 -3.81
N SER A 72 9.45 42.61 -4.44
CA SER A 72 10.21 42.64 -5.66
C SER A 72 9.46 43.35 -6.78
N PHE A 73 8.24 42.89 -7.07
CA PHE A 73 7.41 43.48 -8.12
C PHE A 73 7.29 44.98 -7.95
N VAL A 74 7.17 45.44 -6.72
CA VAL A 74 7.08 46.87 -6.45
C VAL A 74 8.45 47.53 -6.63
N LEU A 75 9.49 46.91 -6.07
CA LEU A 75 10.85 47.45 -6.19
C LEU A 75 11.25 47.67 -7.64
N ALA A 76 10.96 46.69 -8.49
CA ALA A 76 11.28 46.72 -9.92
C ALA A 76 10.44 47.76 -10.65
N TRP A 77 9.39 48.21 -9.97
CA TRP A 77 8.49 49.22 -10.50
C TRP A 77 9.05 50.60 -10.07
N PHE A 78 10.27 50.58 -9.55
CA PHE A 78 10.95 51.79 -9.06
C PHE A 78 12.40 51.84 -9.57
N GLU A 79 12.65 51.30 -10.75
CA GLU A 79 14.00 51.34 -11.31
C GLU A 79 14.13 52.64 -12.10
N GLU A 80 15.32 52.93 -12.61
CA GLU A 80 15.54 54.18 -13.35
C GLU A 80 15.44 54.10 -14.88
N GLY A 81 14.22 54.13 -15.40
CA GLY A 81 13.98 54.07 -16.84
C GLY A 81 14.84 53.13 -17.68
N GLU A 82 15.80 53.71 -18.42
CA GLU A 82 16.71 52.94 -19.30
C GLU A 82 17.92 52.33 -18.56
N GLU A 83 18.14 52.76 -17.32
CA GLU A 83 19.26 52.23 -16.53
C GLU A 83 19.00 50.73 -16.33
N THR A 84 17.76 50.32 -16.60
CA THR A 84 17.36 48.92 -16.46
C THR A 84 15.97 48.66 -17.06
N ILE A 85 15.86 47.54 -17.77
CA ILE A 85 14.61 47.12 -18.40
C ILE A 85 14.33 45.69 -17.89
N THR A 86 15.41 45.01 -17.55
CA THR A 86 15.34 43.65 -17.06
C THR A 86 14.78 43.67 -15.64
N ALA A 87 14.49 44.87 -15.15
CA ALA A 87 13.97 45.09 -13.80
C ALA A 87 12.84 44.16 -13.38
N PHE A 88 11.93 43.91 -14.30
CA PHE A 88 10.79 43.07 -14.03
C PHE A 88 10.98 41.56 -14.17
N VAL A 89 12.21 41.10 -14.28
CA VAL A 89 12.48 39.67 -14.41
C VAL A 89 12.60 38.97 -13.06
N GLU A 90 13.15 39.67 -12.07
CA GLU A 90 13.28 39.09 -10.75
C GLU A 90 11.90 38.66 -10.24
N PRO A 91 10.95 39.60 -10.11
CA PRO A 91 9.60 39.26 -9.64
C PRO A 91 8.82 38.30 -10.55
N PHE A 92 9.02 38.43 -11.85
CA PHE A 92 8.36 37.58 -12.84
C PHE A 92 8.71 36.10 -12.66
N VAL A 93 9.96 35.82 -12.35
CA VAL A 93 10.42 34.45 -12.16
C VAL A 93 9.90 33.81 -10.88
N ILE A 94 9.94 34.55 -9.78
CA ILE A 94 9.44 34.02 -8.54
C ILE A 94 8.00 33.56 -8.74
N LEU A 95 7.24 34.37 -9.48
CA LEU A 95 5.86 34.00 -9.76
C LEU A 95 5.81 32.68 -10.54
N LEU A 96 6.61 32.54 -11.59
CA LEU A 96 6.65 31.32 -12.38
C LEU A 96 6.90 30.11 -11.51
N ILE A 97 7.67 30.31 -10.46
CA ILE A 97 7.95 29.24 -9.53
C ILE A 97 6.65 28.93 -8.83
N LEU A 98 6.05 29.95 -8.24
CA LEU A 98 4.79 29.77 -7.53
C LEU A 98 3.68 29.32 -8.47
N ILE A 99 3.60 29.92 -9.64
CA ILE A 99 2.59 29.54 -10.61
C ILE A 99 2.80 28.08 -10.98
N ALA A 100 4.04 27.73 -11.30
CA ALA A 100 4.40 26.37 -11.64
C ALA A 100 3.99 25.46 -10.49
N ASN A 101 4.60 25.71 -9.33
CA ASN A 101 4.30 24.92 -8.14
C ASN A 101 2.81 24.67 -7.93
N ALA A 102 1.98 25.67 -8.23
CA ALA A 102 0.53 25.52 -8.06
C ALA A 102 -0.01 24.54 -9.10
N ILE A 103 0.26 24.88 -10.36
CA ILE A 103 -0.16 24.06 -11.48
C ILE A 103 0.13 22.60 -11.21
N VAL A 104 1.29 22.32 -10.61
CA VAL A 104 1.65 20.94 -10.31
C VAL A 104 0.65 20.35 -9.34
N GLY A 105 0.60 20.94 -8.15
CA GLY A 105 -0.30 20.49 -7.10
C GLY A 105 -1.70 20.20 -7.56
N VAL A 106 -2.21 21.03 -8.45
CA VAL A 106 -3.56 20.85 -8.96
C VAL A 106 -3.63 19.67 -9.94
N TRP A 107 -2.82 19.75 -10.98
CA TRP A 107 -2.82 18.75 -12.04
C TRP A 107 -2.46 17.51 -11.28
N GLN A 108 -2.21 17.72 -10.00
CA GLN A 108 -1.91 16.60 -9.12
C GLN A 108 -3.20 16.07 -8.52
N GLU A 109 -4.06 16.97 -8.06
CA GLU A 109 -5.32 16.54 -7.45
C GLU A 109 -6.46 16.23 -8.39
N ARG A 110 -6.42 16.77 -9.60
CA ARG A 110 -7.48 16.49 -10.55
C ARG A 110 -7.33 15.05 -11.04
N ASN A 111 -6.09 14.62 -11.23
CA ASN A 111 -5.84 13.28 -11.71
C ASN A 111 -5.94 12.25 -10.60
N ALA A 112 -6.14 12.72 -9.38
CA ALA A 112 -6.27 11.84 -8.22
C ALA A 112 -7.59 11.06 -8.27
N GLU A 113 -7.66 9.93 -7.59
CA GLU A 113 -8.88 9.12 -7.56
C GLU A 113 -9.20 8.70 -6.14
N ASN A 114 -10.44 8.97 -5.70
CA ASN A 114 -10.86 8.65 -4.34
C ASN A 114 -11.30 7.19 -4.15
N ALA A 115 -10.75 6.55 -3.13
CA ALA A 115 -11.11 5.16 -2.85
C ALA A 115 -12.61 5.05 -2.55
N ILE A 116 -13.17 6.09 -1.93
CA ILE A 116 -14.60 6.10 -1.60
C ILE A 116 -15.44 6.25 -2.84
N GLU A 117 -14.88 6.84 -3.88
CA GLU A 117 -15.62 6.99 -5.14
C GLU A 117 -15.75 5.65 -5.83
N ALA A 118 -14.66 4.89 -5.87
CA ALA A 118 -14.67 3.58 -6.50
C ALA A 118 -15.91 2.81 -6.06
N LEU A 119 -16.20 2.84 -4.77
CA LEU A 119 -17.36 2.16 -4.23
C LEU A 119 -18.62 2.36 -5.10
N LYS A 120 -18.82 3.59 -5.57
CA LYS A 120 -19.98 3.90 -6.40
C LYS A 120 -20.02 3.13 -7.70
N GLU A 121 -18.99 2.32 -7.94
CA GLU A 121 -18.95 1.50 -9.14
C GLU A 121 -19.83 0.30 -8.87
N TYR A 122 -20.20 0.10 -7.60
CA TYR A 122 -21.01 -1.04 -7.19
C TYR A 122 -22.48 -0.71 -6.89
N GLU A 123 -22.81 0.41 -7.50
CA GLU A 123 -24.19 0.80 -7.28
C GLU A 123 -24.92 0.77 -8.61
N PRO A 124 -25.86 -0.16 -8.78
CA PRO A 124 -26.60 -0.23 -10.04
C PRO A 124 -27.39 1.07 -10.25
N GLU A 125 -27.64 1.45 -11.50
CA GLU A 125 -28.39 2.67 -11.77
C GLU A 125 -29.89 2.42 -11.63
N MET A 126 -30.31 1.21 -11.95
CA MET A 126 -31.73 0.87 -11.88
C MET A 126 -31.94 -0.39 -11.04
N GLY A 127 -33.16 -0.54 -10.55
CA GLY A 127 -33.55 -1.70 -9.75
C GLY A 127 -35.00 -2.06 -10.05
N LYS A 128 -35.43 -3.25 -9.66
CA LYS A 128 -36.83 -3.67 -9.90
C LYS A 128 -37.62 -3.85 -8.60
N VAL A 129 -38.77 -3.18 -8.52
CA VAL A 129 -39.61 -3.23 -7.32
C VAL A 129 -41.07 -3.55 -7.60
N TYR A 130 -41.78 -3.90 -6.55
CA TYR A 130 -43.19 -4.18 -6.61
C TYR A 130 -43.90 -3.27 -5.63
N ARG A 131 -44.62 -2.30 -6.17
CA ARG A 131 -45.34 -1.35 -5.34
C ARG A 131 -46.84 -1.39 -5.57
N ALA A 132 -47.60 -0.99 -4.56
CA ALA A 132 -49.05 -0.98 -4.61
C ALA A 132 -49.64 -0.26 -5.83
N ASP A 133 -48.99 0.81 -6.25
CA ASP A 133 -49.46 1.62 -7.38
C ASP A 133 -49.51 0.94 -8.75
N ARG A 134 -49.09 -0.32 -8.81
CA ARG A 134 -49.11 -1.07 -10.06
C ARG A 134 -49.10 -2.58 -9.85
N LYS A 135 -49.67 -3.28 -10.81
CA LYS A 135 -49.84 -4.70 -10.79
C LYS A 135 -48.54 -5.38 -11.11
N SER A 136 -47.93 -4.98 -12.20
CA SER A 136 -46.70 -5.58 -12.67
C SER A 136 -45.45 -4.91 -12.07
N VAL A 137 -44.29 -5.53 -12.26
CA VAL A 137 -43.03 -5.00 -11.74
C VAL A 137 -42.56 -3.71 -12.42
N GLN A 138 -41.98 -2.82 -11.62
CA GLN A 138 -41.49 -1.53 -12.11
C GLN A 138 -39.98 -1.38 -11.94
N ARG A 139 -39.33 -0.92 -13.00
CA ARG A 139 -37.88 -0.72 -13.02
C ARG A 139 -37.53 0.74 -12.70
N ILE A 140 -37.33 1.03 -11.42
CA ILE A 140 -37.00 2.38 -11.00
C ILE A 140 -35.50 2.61 -10.84
N LYS A 141 -35.15 3.81 -10.36
CA LYS A 141 -33.75 4.16 -10.15
C LYS A 141 -33.29 3.75 -8.74
N ALA A 142 -32.29 2.87 -8.69
CA ALA A 142 -31.75 2.37 -7.43
C ALA A 142 -31.85 3.36 -6.29
N ARG A 143 -31.43 4.59 -6.56
CA ARG A 143 -31.45 5.68 -5.58
C ARG A 143 -32.80 5.86 -4.87
N ASP A 144 -33.89 5.47 -5.53
CA ASP A 144 -35.22 5.64 -4.96
C ASP A 144 -35.77 4.44 -4.22
N ILE A 145 -35.01 3.35 -4.15
CA ILE A 145 -35.50 2.20 -3.42
C ILE A 145 -35.46 2.55 -1.94
N VAL A 146 -36.39 2.01 -1.18
CA VAL A 146 -36.48 2.33 0.23
C VAL A 146 -36.52 1.10 1.11
N PRO A 147 -36.07 1.23 2.36
CA PRO A 147 -36.11 0.06 3.24
C PRO A 147 -37.56 -0.38 3.39
N GLY A 148 -37.85 -1.62 3.04
CA GLY A 148 -39.20 -2.11 3.19
C GLY A 148 -39.80 -2.57 1.90
N ASP A 149 -39.79 -1.74 0.87
CA ASP A 149 -40.44 -2.18 -0.35
C ASP A 149 -39.83 -3.41 -0.96
N ILE A 150 -40.71 -4.15 -1.63
CA ILE A 150 -40.43 -5.42 -2.27
C ILE A 150 -39.61 -5.28 -3.53
N VAL A 151 -38.60 -6.13 -3.63
CA VAL A 151 -37.75 -6.11 -4.80
C VAL A 151 -37.44 -7.49 -5.28
N GLU A 152 -37.35 -7.64 -6.60
CA GLU A 152 -37.01 -8.91 -7.21
C GLU A 152 -35.74 -8.69 -8.00
N VAL A 153 -34.84 -9.66 -7.92
CA VAL A 153 -33.55 -9.61 -8.61
C VAL A 153 -33.32 -10.92 -9.33
N ALA A 154 -32.61 -10.86 -10.47
CA ALA A 154 -32.33 -12.07 -11.23
C ALA A 154 -30.91 -12.09 -11.77
N VAL A 155 -30.59 -13.09 -12.58
CA VAL A 155 -29.25 -13.21 -13.15
C VAL A 155 -28.77 -11.91 -13.80
N GLY A 156 -27.47 -11.66 -13.73
CA GLY A 156 -26.89 -10.46 -14.32
C GLY A 156 -26.98 -9.26 -13.39
N ASP A 157 -28.16 -9.08 -12.78
CA ASP A 157 -28.44 -7.97 -11.85
C ASP A 157 -27.40 -7.78 -10.76
N LYS A 158 -27.08 -6.52 -10.52
CA LYS A 158 -26.14 -6.16 -9.46
C LYS A 158 -27.10 -5.77 -8.32
N VAL A 159 -26.90 -6.34 -7.14
CA VAL A 159 -27.80 -6.01 -6.02
C VAL A 159 -27.80 -4.53 -5.65
N PRO A 160 -28.99 -3.92 -5.51
CA PRO A 160 -29.18 -2.51 -5.17
C PRO A 160 -29.08 -2.16 -3.69
N ALA A 161 -29.84 -2.86 -2.86
CA ALA A 161 -29.83 -2.56 -1.44
C ALA A 161 -29.51 -3.82 -0.68
N ASP A 162 -29.43 -3.74 0.63
CA ASP A 162 -29.16 -4.95 1.39
C ASP A 162 -30.54 -5.55 1.60
N ILE A 163 -30.74 -6.70 0.98
CA ILE A 163 -32.01 -7.39 0.97
C ILE A 163 -32.13 -8.70 1.74
N ARG A 164 -33.25 -8.86 2.45
CA ARG A 164 -33.54 -10.11 3.15
C ARG A 164 -34.38 -10.88 2.14
N ILE A 165 -34.01 -12.14 1.88
CA ILE A 165 -34.73 -12.92 0.88
C ILE A 165 -36.05 -13.48 1.40
N LEU A 166 -37.12 -13.23 0.65
CA LEU A 166 -38.46 -13.69 1.02
C LEU A 166 -38.82 -15.05 0.42
N SER A 167 -38.61 -15.21 -0.88
CA SER A 167 -38.90 -16.49 -1.54
C SER A 167 -38.14 -16.58 -2.85
N ILE A 168 -37.51 -17.74 -3.08
CA ILE A 168 -36.72 -17.99 -4.28
C ILE A 168 -37.63 -18.50 -5.41
N LYS A 169 -37.82 -17.66 -6.42
CA LYS A 169 -38.68 -17.99 -7.58
C LYS A 169 -38.08 -19.02 -8.52
N SER A 170 -36.85 -19.42 -8.24
CA SER A 170 -36.16 -20.41 -9.06
C SER A 170 -35.81 -21.64 -8.24
N THR A 171 -35.24 -22.64 -8.92
CA THR A 171 -34.89 -23.88 -8.23
C THR A 171 -33.72 -23.65 -7.27
N THR A 172 -32.82 -22.75 -7.65
CA THR A 172 -31.66 -22.44 -6.84
C THR A 172 -31.23 -20.99 -7.03
N LEU A 173 -30.62 -20.39 -6.00
CA LEU A 173 -30.12 -19.01 -6.09
C LEU A 173 -28.65 -18.90 -5.72
N ARG A 174 -27.84 -18.51 -6.70
CA ARG A 174 -26.39 -18.35 -6.55
C ARG A 174 -25.98 -16.88 -6.61
N VAL A 175 -25.06 -16.48 -5.73
CA VAL A 175 -24.60 -15.08 -5.70
C VAL A 175 -23.09 -14.94 -5.69
N ASP A 176 -22.59 -13.86 -6.27
CA ASP A 176 -21.16 -13.60 -6.31
C ASP A 176 -20.78 -12.53 -5.27
N GLN A 177 -20.44 -12.98 -4.06
CA GLN A 177 -20.06 -12.09 -2.97
C GLN A 177 -18.56 -11.88 -2.92
N SER A 178 -17.87 -12.49 -3.87
CA SER A 178 -16.43 -12.37 -3.97
C SER A 178 -15.95 -11.09 -3.29
N ILE A 179 -16.29 -9.95 -3.88
CA ILE A 179 -15.85 -8.66 -3.36
C ILE A 179 -16.09 -8.41 -1.88
N LEU A 180 -17.30 -8.67 -1.41
CA LEU A 180 -17.56 -8.35 -0.02
C LEU A 180 -17.12 -9.34 1.04
N THR A 181 -16.92 -10.60 0.67
CA THR A 181 -16.50 -11.61 1.64
C THR A 181 -15.23 -12.31 1.23
N GLY A 182 -15.00 -12.40 -0.08
CA GLY A 182 -13.80 -13.07 -0.55
C GLY A 182 -13.96 -14.54 -0.79
N GLU A 183 -15.05 -14.90 -1.46
CA GLU A 183 -15.35 -16.28 -1.82
C GLU A 183 -15.52 -16.20 -3.33
N SER A 184 -14.52 -16.67 -4.06
CA SER A 184 -14.55 -16.61 -5.52
C SER A 184 -15.76 -17.29 -6.13
N VAL A 185 -16.12 -18.46 -5.60
CA VAL A 185 -17.25 -19.21 -6.10
C VAL A 185 -18.59 -18.67 -5.60
N SER A 186 -19.58 -18.68 -6.48
CA SER A 186 -20.91 -18.21 -6.16
C SER A 186 -21.48 -19.09 -5.05
N VAL A 187 -22.07 -18.49 -4.02
CA VAL A 187 -22.66 -19.29 -2.94
C VAL A 187 -24.17 -19.44 -3.12
N ILE A 188 -24.75 -20.34 -2.33
CA ILE A 188 -26.19 -20.62 -2.36
C ILE A 188 -26.92 -19.90 -1.23
N LYS A 189 -28.07 -19.31 -1.54
CA LYS A 189 -28.86 -18.61 -0.54
C LYS A 189 -30.15 -19.36 -0.20
N HIS A 190 -30.64 -19.17 1.02
CA HIS A 190 -31.86 -19.81 1.47
C HIS A 190 -32.79 -18.77 2.07
N THR A 191 -33.94 -19.18 2.61
CA THR A 191 -34.87 -18.19 3.15
C THR A 191 -34.97 -18.22 4.66
N GLU A 192 -34.68 -19.37 5.23
CA GLU A 192 -34.75 -19.55 6.66
C GLU A 192 -33.78 -18.59 7.35
N PRO A 193 -34.22 -18.01 8.48
CA PRO A 193 -33.43 -17.07 9.28
C PRO A 193 -32.18 -17.70 9.86
N VAL A 194 -31.25 -16.84 10.26
CA VAL A 194 -30.01 -17.27 10.88
C VAL A 194 -30.14 -16.82 12.32
N PRO A 195 -30.11 -17.77 13.27
CA PRO A 195 -30.23 -17.52 14.71
C PRO A 195 -29.36 -16.38 15.26
N ASP A 196 -28.04 -16.59 15.24
CA ASP A 196 -27.09 -15.60 15.74
C ASP A 196 -27.35 -14.18 15.20
N PRO A 197 -27.40 -13.18 16.11
CA PRO A 197 -27.64 -11.79 15.71
C PRO A 197 -26.37 -11.02 15.42
N ARG A 198 -25.24 -11.57 15.86
CA ARG A 198 -23.95 -10.94 15.65
C ARG A 198 -23.14 -11.68 14.60
N ALA A 199 -23.83 -12.36 13.69
CA ALA A 199 -23.18 -13.14 12.64
C ALA A 199 -22.39 -12.32 11.64
N VAL A 200 -21.36 -12.94 11.09
CA VAL A 200 -20.54 -12.27 10.07
C VAL A 200 -21.29 -12.44 8.77
N ASN A 201 -21.02 -11.59 7.80
CA ASN A 201 -21.71 -11.67 6.53
C ASN A 201 -21.64 -13.04 5.86
N GLN A 202 -20.46 -13.62 5.83
CA GLN A 202 -20.32 -14.89 5.17
C GLN A 202 -21.40 -15.91 5.57
N ASP A 203 -21.80 -15.90 6.82
CA ASP A 203 -22.81 -16.83 7.28
C ASP A 203 -24.26 -16.39 7.17
N LYS A 204 -24.48 -15.15 6.77
CA LYS A 204 -25.85 -14.68 6.59
C LYS A 204 -26.25 -15.27 5.24
N LYS A 205 -26.86 -16.45 5.25
CA LYS A 205 -27.22 -17.13 4.02
C LYS A 205 -28.52 -16.63 3.39
N ASN A 206 -29.33 -15.93 4.17
CA ASN A 206 -30.60 -15.40 3.68
C ASN A 206 -30.46 -13.94 3.31
N MET A 207 -29.22 -13.51 3.07
CA MET A 207 -28.95 -12.10 2.79
C MET A 207 -28.35 -11.74 1.44
N LEU A 208 -28.84 -10.64 0.86
CA LEU A 208 -28.33 -10.14 -0.42
C LEU A 208 -27.63 -8.80 -0.17
N PHE A 209 -26.31 -8.77 -0.34
CA PHE A 209 -25.55 -7.55 -0.10
C PHE A 209 -25.49 -6.67 -1.34
N SER A 210 -25.75 -5.38 -1.16
CA SER A 210 -25.73 -4.44 -2.28
C SER A 210 -24.38 -4.34 -2.98
N GLY A 211 -24.37 -4.51 -4.29
CA GLY A 211 -23.12 -4.41 -5.03
C GLY A 211 -22.68 -5.75 -5.58
N THR A 212 -23.07 -6.82 -4.92
CA THR A 212 -22.71 -8.14 -5.38
C THR A 212 -23.63 -8.50 -6.52
N ASN A 213 -23.21 -9.47 -7.33
CA ASN A 213 -23.97 -9.89 -8.50
C ASN A 213 -24.65 -11.22 -8.34
N ILE A 214 -25.80 -11.35 -9.00
CA ILE A 214 -26.55 -12.59 -8.93
C ILE A 214 -26.08 -13.49 -10.06
N ALA A 215 -25.35 -14.54 -9.70
CA ALA A 215 -24.78 -15.51 -10.64
C ALA A 215 -25.82 -16.35 -11.39
N ALA A 216 -26.74 -16.92 -10.62
CA ALA A 216 -27.78 -17.78 -11.17
C ALA A 216 -29.09 -17.72 -10.39
N GLY A 217 -30.21 -17.65 -11.12
CA GLY A 217 -31.50 -17.64 -10.47
C GLY A 217 -32.25 -16.35 -10.51
N LYS A 218 -33.36 -16.37 -9.78
CA LYS A 218 -34.28 -15.23 -9.63
C LYS A 218 -34.92 -15.39 -8.25
N ALA A 219 -35.06 -14.28 -7.53
CA ALA A 219 -35.67 -14.32 -6.20
C ALA A 219 -36.36 -13.02 -5.85
N LEU A 220 -37.09 -13.04 -4.74
CA LEU A 220 -37.81 -11.86 -4.29
C LEU A 220 -37.39 -11.53 -2.86
N GLY A 221 -37.39 -10.25 -2.52
CA GLY A 221 -37.01 -9.87 -1.17
C GLY A 221 -37.46 -8.50 -0.67
N ILE A 222 -37.34 -8.35 0.65
CA ILE A 222 -37.69 -7.11 1.32
C ILE A 222 -36.39 -6.40 1.72
N VAL A 223 -36.25 -5.14 1.35
CA VAL A 223 -35.07 -4.35 1.62
C VAL A 223 -34.79 -4.09 3.09
N ALA A 224 -33.72 -4.70 3.60
CA ALA A 224 -33.31 -4.53 5.00
C ALA A 224 -32.88 -3.08 5.25
N THR A 225 -31.76 -2.69 4.64
CA THR A 225 -31.23 -1.33 4.79
C THR A 225 -30.84 -0.80 3.41
N THR A 226 -30.71 0.52 3.30
CA THR A 226 -30.31 1.13 2.05
C THR A 226 -29.22 2.13 2.37
N GLY A 227 -28.70 2.81 1.35
CA GLY A 227 -27.67 3.81 1.55
C GLY A 227 -26.43 3.47 2.36
N VAL A 228 -26.10 4.38 3.28
CA VAL A 228 -24.93 4.24 4.11
C VAL A 228 -25.09 3.21 5.21
N SER A 229 -26.31 2.67 5.31
CA SER A 229 -26.63 1.67 6.33
C SER A 229 -26.37 0.25 5.85
N THR A 230 -26.30 0.02 4.60
CA THR A 230 -26.03 -1.32 4.06
C THR A 230 -24.60 -1.74 4.40
N GLU A 231 -24.28 -3.02 4.18
CA GLU A 231 -22.95 -3.53 4.48
C GLU A 231 -21.83 -2.73 3.84
N ILE A 232 -22.07 -2.26 2.62
CA ILE A 232 -21.08 -1.48 1.90
C ILE A 232 -21.03 -0.05 2.47
N GLY A 233 -22.18 0.46 2.86
CA GLY A 233 -22.25 1.81 3.41
C GLY A 233 -21.50 1.88 4.72
N LYS A 234 -21.54 0.79 5.49
CA LYS A 234 -20.83 0.77 6.74
C LYS A 234 -19.32 0.88 6.44
N ILE A 235 -18.90 0.36 5.29
CA ILE A 235 -17.50 0.43 4.91
C ILE A 235 -17.18 1.83 4.45
N ARG A 236 -18.08 2.42 3.68
CA ARG A 236 -17.82 3.77 3.21
C ARG A 236 -17.53 4.69 4.39
N ASP A 237 -18.24 4.47 5.49
CA ASP A 237 -18.04 5.32 6.65
C ASP A 237 -16.74 5.10 7.37
N GLN A 238 -16.34 3.85 7.55
CA GLN A 238 -15.07 3.58 8.22
C GLN A 238 -13.95 4.27 7.43
N MET A 239 -14.07 4.23 6.10
CA MET A 239 -13.09 4.84 5.23
C MET A 239 -13.14 6.37 5.27
N ALA A 240 -14.33 6.93 5.29
CA ALA A 240 -14.47 8.38 5.31
C ALA A 240 -14.08 8.95 6.67
N ALA A 241 -14.18 8.11 7.69
CA ALA A 241 -13.84 8.53 9.05
C ALA A 241 -12.36 8.33 9.26
N THR A 242 -11.74 7.55 8.38
CA THR A 242 -10.31 7.29 8.50
C THR A 242 -9.48 8.47 7.98
N GLU A 243 -8.62 9.00 8.85
CA GLU A 243 -7.75 10.12 8.53
C GLU A 243 -6.28 9.68 8.50
N GLN A 244 -5.61 10.00 7.40
CA GLN A 244 -4.20 9.62 7.20
C GLN A 244 -3.12 10.69 7.46
N ASP A 245 -2.14 10.35 8.31
CA ASP A 245 -1.03 11.25 8.67
C ASP A 245 -0.17 11.58 7.45
N LYS A 246 0.65 12.62 7.55
CA LYS A 246 1.53 13.01 6.45
C LYS A 246 2.88 12.29 6.55
N THR A 247 3.48 12.04 5.39
CA THR A 247 4.77 11.39 5.32
C THR A 247 5.64 12.14 6.31
N PRO A 248 6.48 11.42 7.07
CA PRO A 248 7.37 12.03 8.06
C PRO A 248 8.23 13.15 7.46
N LEU A 249 8.54 12.98 6.17
CA LEU A 249 9.33 13.95 5.44
C LEU A 249 8.43 15.16 5.11
N GLN A 250 7.15 14.87 4.90
CA GLN A 250 6.17 15.93 4.63
C GLN A 250 6.00 16.69 5.94
N GLN A 251 6.07 15.97 7.05
CA GLN A 251 5.95 16.62 8.34
C GLN A 251 7.14 17.52 8.50
N LYS A 252 8.33 16.94 8.34
CA LYS A 252 9.57 17.68 8.47
C LYS A 252 9.58 18.95 7.62
N LEU A 253 8.90 18.90 6.47
CA LEU A 253 8.83 20.06 5.60
C LEU A 253 7.97 21.18 6.20
N ASP A 254 6.96 20.79 6.98
CA ASP A 254 6.12 21.81 7.60
C ASP A 254 6.90 22.33 8.82
N GLU A 255 7.63 21.42 9.45
CA GLU A 255 8.44 21.73 10.60
C GLU A 255 9.48 22.77 10.22
N PHE A 256 10.16 22.51 9.10
CA PHE A 256 11.19 23.41 8.58
C PHE A 256 10.61 24.74 8.13
N GLY A 257 9.37 24.73 7.68
CA GLY A 257 8.73 25.96 7.24
C GLY A 257 8.59 26.91 8.40
N GLU A 258 7.89 26.46 9.44
CA GLU A 258 7.66 27.26 10.64
C GLU A 258 8.95 27.85 11.15
N GLN A 259 9.96 27.00 11.31
CA GLN A 259 11.27 27.41 11.78
C GLN A 259 11.95 28.46 10.92
N LEU A 260 12.13 28.17 9.63
CA LEU A 260 12.77 29.12 8.74
C LEU A 260 12.15 30.48 8.99
N SER A 261 10.82 30.50 8.99
CA SER A 261 10.05 31.72 9.23
C SER A 261 10.54 32.48 10.48
N LYS A 262 10.79 31.76 11.57
CA LYS A 262 11.28 32.40 12.78
C LYS A 262 12.66 33.03 12.53
N VAL A 263 13.64 32.20 12.21
CA VAL A 263 15.00 32.65 11.94
C VAL A 263 15.05 33.91 11.09
N ILE A 264 14.50 33.83 9.88
CA ILE A 264 14.50 34.98 8.98
C ILE A 264 14.12 36.24 9.74
N SER A 265 13.03 36.14 10.48
CA SER A 265 12.52 37.25 11.28
C SER A 265 13.56 37.75 12.28
N LEU A 266 14.17 36.83 13.03
CA LEU A 266 15.21 37.20 13.99
C LEU A 266 16.37 37.89 13.25
N ILE A 267 16.73 37.36 12.08
CA ILE A 267 17.80 37.95 11.28
C ILE A 267 17.48 39.43 11.04
N CYS A 268 16.24 39.71 10.62
CA CYS A 268 15.83 41.08 10.39
C CYS A 268 16.10 41.93 11.62
N VAL A 269 15.55 41.52 12.76
CA VAL A 269 15.76 42.26 14.00
C VAL A 269 17.26 42.46 14.26
N ALA A 270 18.05 41.41 14.06
CA ALA A 270 19.50 41.49 14.27
C ALA A 270 20.06 42.54 13.34
N VAL A 271 19.80 42.37 12.04
CA VAL A 271 20.28 43.31 11.03
C VAL A 271 19.93 44.74 11.38
N TRP A 272 18.71 44.95 11.83
CA TRP A 272 18.28 46.28 12.21
C TRP A 272 19.11 46.71 13.43
N LEU A 273 19.16 45.85 14.44
CA LEU A 273 19.94 46.14 15.64
C LEU A 273 21.39 46.48 15.28
N ILE A 274 21.87 45.88 14.20
CA ILE A 274 23.23 46.14 13.74
C ILE A 274 23.37 47.57 13.24
N ASN A 275 22.48 47.98 12.35
CA ASN A 275 22.48 49.33 11.81
C ASN A 275 21.65 50.27 12.66
N ILE A 276 21.84 50.18 13.97
CA ILE A 276 21.12 51.01 14.93
C ILE A 276 21.72 52.41 15.04
N GLY A 277 23.03 52.49 14.84
CA GLY A 277 23.72 53.76 14.92
C GLY A 277 23.11 54.77 13.97
N HIS A 278 22.37 54.27 12.99
CA HIS A 278 21.71 55.14 12.03
C HIS A 278 20.73 56.09 12.72
N PHE A 279 20.42 55.81 13.99
CA PHE A 279 19.53 56.67 14.76
C PHE A 279 20.32 57.86 15.27
N ASN A 280 21.61 57.85 14.93
CA ASN A 280 22.50 58.93 15.31
C ASN A 280 23.08 59.56 14.06
N ASP A 281 22.22 59.77 13.05
CA ASP A 281 22.66 60.39 11.81
C ASP A 281 22.04 61.77 11.66
N PRO A 282 22.64 62.62 10.82
CA PRO A 282 22.05 63.95 10.65
C PRO A 282 20.61 63.75 10.16
N VAL A 283 19.68 64.52 10.71
CA VAL A 283 18.27 64.41 10.30
C VAL A 283 17.93 65.22 9.03
N HIS A 284 17.86 64.49 7.92
CA HIS A 284 17.56 65.03 6.61
C HIS A 284 17.55 63.83 5.65
N GLY A 285 16.51 63.73 4.83
CA GLY A 285 16.41 62.63 3.88
C GLY A 285 17.52 62.55 2.85
N GLY A 286 18.71 62.17 3.28
CA GLY A 286 19.84 62.01 2.38
C GLY A 286 19.76 60.56 1.95
N SER A 287 18.88 60.29 0.99
CA SER A 287 18.62 58.96 0.45
C SER A 287 17.67 58.22 1.40
N TRP A 288 16.68 58.94 1.91
CA TRP A 288 15.68 58.36 2.81
C TRP A 288 14.94 57.29 2.03
N ILE A 289 14.81 57.53 0.74
CA ILE A 289 14.12 56.61 -0.15
C ILE A 289 15.13 55.60 -0.71
N ARG A 290 16.35 56.05 -0.91
CA ARG A 290 17.39 55.18 -1.44
C ARG A 290 17.86 54.17 -0.39
N GLY A 291 17.49 54.38 0.86
CA GLY A 291 17.89 53.45 1.91
C GLY A 291 16.82 52.38 2.15
N ALA A 292 15.56 52.78 2.00
CA ALA A 292 14.46 51.85 2.18
C ALA A 292 14.39 50.92 0.98
N ILE A 293 14.67 51.45 -0.20
CA ILE A 293 14.64 50.64 -1.40
C ILE A 293 15.68 49.56 -1.18
N TYR A 294 16.82 49.96 -0.62
CA TYR A 294 17.91 49.06 -0.32
C TYR A 294 17.49 47.86 0.53
N TYR A 295 16.96 48.12 1.71
CA TYR A 295 16.54 47.02 2.57
C TYR A 295 15.47 46.15 1.93
N PHE A 296 14.45 46.75 1.35
CA PHE A 296 13.42 45.95 0.72
C PHE A 296 13.98 44.99 -0.31
N LYS A 297 15.00 45.42 -1.07
CA LYS A 297 15.58 44.53 -2.08
C LYS A 297 16.57 43.55 -1.47
N ILE A 298 16.75 43.66 -0.16
CA ILE A 298 17.59 42.74 0.56
C ILE A 298 16.61 41.75 1.17
N ALA A 299 15.43 42.25 1.48
CA ALA A 299 14.36 41.43 2.04
C ALA A 299 14.06 40.37 1.01
N VAL A 300 13.68 40.78 -0.21
CA VAL A 300 13.37 39.83 -1.27
C VAL A 300 14.52 38.85 -1.52
N ALA A 301 15.76 39.34 -1.48
CA ALA A 301 16.92 38.47 -1.69
C ALA A 301 16.98 37.47 -0.53
N LEU A 302 16.93 37.97 0.69
CA LEU A 302 16.96 37.12 1.88
C LEU A 302 15.96 35.97 1.78
N ALA A 303 14.80 36.24 1.19
CA ALA A 303 13.77 35.22 1.05
C ALA A 303 14.18 34.13 0.07
N VAL A 304 14.53 34.49 -1.18
CA VAL A 304 14.89 33.45 -2.14
C VAL A 304 16.15 32.72 -1.71
N ALA A 305 16.85 33.28 -0.72
CA ALA A 305 18.08 32.65 -0.24
C ALA A 305 17.79 31.58 0.83
N ALA A 306 16.71 31.77 1.60
CA ALA A 306 16.35 30.82 2.64
C ALA A 306 15.50 29.64 2.18
N ILE A 307 14.72 29.83 1.12
CA ILE A 307 13.86 28.76 0.59
C ILE A 307 14.50 27.95 -0.53
N PRO A 308 14.47 26.61 -0.41
CA PRO A 308 15.06 25.75 -1.45
C PRO A 308 14.04 25.57 -2.57
N GLU A 309 13.93 26.53 -3.47
CA GLU A 309 12.95 26.44 -4.53
C GLU A 309 13.03 25.23 -5.47
N GLY A 310 14.14 24.49 -5.45
CA GLY A 310 14.20 23.33 -6.34
C GLY A 310 14.08 21.98 -5.66
N LEU A 311 14.04 21.99 -4.33
CA LEU A 311 13.96 20.75 -3.55
C LEU A 311 12.75 19.87 -3.85
N PRO A 312 11.54 20.46 -3.88
CA PRO A 312 10.34 19.68 -4.16
C PRO A 312 10.41 19.17 -5.60
N ALA A 313 11.06 19.94 -6.46
CA ALA A 313 11.21 19.51 -7.84
C ALA A 313 12.11 18.27 -7.85
N VAL A 314 13.17 18.31 -7.06
CA VAL A 314 14.12 17.20 -6.99
C VAL A 314 13.55 15.96 -6.34
N ILE A 315 12.87 16.14 -5.21
CA ILE A 315 12.28 15.01 -4.53
C ILE A 315 11.27 14.32 -5.46
N THR A 316 10.33 15.09 -5.97
CA THR A 316 9.34 14.54 -6.89
C THR A 316 9.99 13.76 -8.04
N THR A 317 11.12 14.23 -8.55
CA THR A 317 11.72 13.50 -9.65
C THR A 317 12.50 12.29 -9.16
N CYS A 318 12.97 12.30 -7.92
CA CYS A 318 13.70 11.13 -7.44
C CYS A 318 12.71 10.03 -7.13
N LEU A 319 11.55 10.43 -6.65
CA LEU A 319 10.49 9.49 -6.32
C LEU A 319 9.97 8.85 -7.62
N ALA A 320 9.65 9.68 -8.61
CA ALA A 320 9.16 9.16 -9.90
C ALA A 320 10.15 8.17 -10.49
N LEU A 321 11.43 8.45 -10.35
CA LEU A 321 12.42 7.55 -10.91
C LEU A 321 12.42 6.20 -10.22
N GLY A 322 12.66 6.20 -8.91
CA GLY A 322 12.66 4.93 -8.19
C GLY A 322 11.36 4.17 -8.43
N THR A 323 10.26 4.92 -8.57
CA THR A 323 8.96 4.32 -8.80
C THR A 323 8.99 3.40 -10.00
N ARG A 324 9.45 3.93 -11.14
CA ARG A 324 9.54 3.12 -12.34
C ARG A 324 10.45 1.93 -12.02
N ARG A 325 11.54 2.22 -11.33
CA ARG A 325 12.52 1.19 -10.97
C ARG A 325 11.83 0.03 -10.25
N MET A 326 10.76 0.33 -9.52
CA MET A 326 10.05 -0.70 -8.79
C MET A 326 9.07 -1.41 -9.67
N ALA A 327 8.41 -0.66 -10.55
CA ALA A 327 7.44 -1.22 -11.48
C ALA A 327 8.05 -2.42 -12.17
N LYS A 328 9.31 -2.26 -12.54
CA LYS A 328 10.12 -3.36 -13.02
C LYS A 328 10.03 -4.55 -12.06
N LYS A 329 10.08 -4.30 -10.73
CA LYS A 329 10.04 -5.35 -9.70
C LYS A 329 8.63 -5.66 -9.12
N ASN A 330 7.62 -5.56 -10.00
CA ASN A 330 6.21 -5.86 -9.74
C ASN A 330 5.55 -5.11 -8.61
N ALA A 331 6.25 -4.11 -8.12
CA ALA A 331 5.79 -3.30 -6.99
C ALA A 331 5.28 -1.98 -7.57
N ILE A 332 3.98 -1.83 -7.65
CA ILE A 332 3.40 -0.63 -8.24
C ILE A 332 2.99 0.41 -7.22
N VAL A 333 3.86 1.40 -7.03
CA VAL A 333 3.61 2.46 -6.08
C VAL A 333 2.64 3.52 -6.59
N ARG A 334 1.49 3.62 -5.95
CA ARG A 334 0.49 4.60 -6.34
C ARG A 334 0.80 6.02 -5.87
N SER A 335 1.25 6.20 -4.62
CA SER A 335 1.59 7.56 -4.17
C SER A 335 3.10 7.69 -3.93
N LEU A 336 3.73 8.63 -4.63
CA LEU A 336 5.18 8.80 -4.52
C LEU A 336 5.66 9.08 -3.11
N PRO A 337 5.02 10.01 -2.40
CA PRO A 337 5.43 10.33 -1.03
C PRO A 337 5.66 9.11 -0.17
N SER A 338 4.94 8.03 -0.49
CA SER A 338 5.01 6.78 0.25
C SER A 338 6.28 5.95 0.17
N VAL A 339 6.97 6.06 -0.96
CA VAL A 339 8.19 5.29 -1.12
C VAL A 339 9.05 5.48 0.14
N GLU A 340 8.76 6.52 0.91
CA GLU A 340 9.51 6.79 2.12
C GLU A 340 8.92 6.02 3.31
N THR A 341 7.64 6.30 3.60
CA THR A 341 6.97 5.62 4.71
C THR A 341 7.15 4.13 4.55
N LEU A 342 7.18 3.66 3.30
CA LEU A 342 7.36 2.23 3.02
C LEU A 342 8.68 1.79 3.66
N GLY A 343 9.71 2.60 3.42
CA GLY A 343 11.04 2.30 3.93
C GLY A 343 11.11 2.13 5.43
N CYS A 344 10.14 2.71 6.13
CA CYS A 344 10.13 2.62 7.58
C CYS A 344 9.21 1.55 8.17
N THR A 345 8.67 0.66 7.32
CA THR A 345 7.78 -0.38 7.83
C THR A 345 8.45 -1.20 8.92
N SER A 346 7.78 -1.28 9.94
CA SER A 346 8.32 -2.07 11.03
C SER A 346 7.51 -3.37 11.20
N VAL A 347 6.27 -3.39 10.71
CA VAL A 347 5.43 -4.59 10.77
C VAL A 347 4.68 -4.81 9.44
N ILE A 348 4.80 -6.04 8.90
CA ILE A 348 4.10 -6.40 7.66
C ILE A 348 3.08 -7.53 7.92
N CYS A 349 1.80 -7.22 7.70
CA CYS A 349 0.72 -8.20 7.87
C CYS A 349 0.31 -8.68 6.51
N SER A 350 0.56 -9.95 6.22
CA SER A 350 0.19 -10.48 4.92
C SER A 350 -0.86 -11.56 4.99
N ASP A 351 -1.72 -11.60 3.98
CA ASP A 351 -2.71 -12.64 3.90
C ASP A 351 -1.83 -13.84 3.51
N LYS A 352 -2.26 -15.05 3.81
CA LYS A 352 -1.47 -16.21 3.45
C LYS A 352 -1.66 -16.67 2.00
N THR A 353 -2.72 -17.43 1.78
CA THR A 353 -2.99 -18.02 0.47
C THR A 353 -2.41 -17.41 -0.79
N GLY A 354 -3.12 -16.47 -1.40
CA GLY A 354 -2.62 -15.91 -2.64
C GLY A 354 -1.20 -15.34 -2.66
N THR A 355 -0.78 -14.79 -1.52
CA THR A 355 0.51 -14.14 -1.43
C THR A 355 1.68 -14.90 -0.76
N LEU A 356 1.42 -15.57 0.36
CA LEU A 356 2.53 -16.28 1.01
C LEU A 356 2.73 -17.64 0.37
N THR A 357 1.60 -18.17 -0.15
CA THR A 357 1.64 -19.47 -0.81
C THR A 357 1.26 -19.28 -2.27
N THR A 358 1.19 -20.39 -2.99
CA THR A 358 0.85 -20.36 -4.40
C THR A 358 -0.62 -20.48 -4.62
N ASN A 359 -1.29 -21.06 -3.64
CA ASN A 359 -2.73 -21.26 -3.74
C ASN A 359 -2.97 -22.30 -4.84
N GLN A 360 -1.92 -23.05 -5.14
CA GLN A 360 -1.99 -24.10 -6.13
C GLN A 360 -1.99 -25.41 -5.37
N MET A 361 -3.15 -25.67 -4.87
CA MET A 361 -3.37 -26.88 -4.08
C MET A 361 -3.04 -28.18 -4.79
N SER A 362 -2.75 -29.21 -3.99
CA SER A 362 -2.47 -30.54 -4.52
C SER A 362 -2.42 -31.56 -3.39
N VAL A 363 -3.05 -32.71 -3.60
CA VAL A 363 -3.06 -33.76 -2.58
C VAL A 363 -1.85 -34.67 -2.70
N CYS A 364 -1.20 -34.92 -1.57
CA CYS A 364 0.00 -35.77 -1.56
C CYS A 364 0.07 -36.84 -0.48
N LYS A 365 -1.06 -37.08 0.19
CA LYS A 365 -1.17 -38.09 1.24
C LYS A 365 -2.64 -38.52 1.39
N MET A 366 -2.86 -39.82 1.42
CA MET A 366 -4.20 -40.39 1.59
C MET A 366 -4.04 -41.45 2.66
N PHE A 367 -5.16 -41.93 3.19
CA PHE A 367 -5.10 -42.98 4.19
C PHE A 367 -6.49 -43.53 4.42
N ILE A 368 -6.62 -44.84 4.28
CA ILE A 368 -7.86 -45.59 4.44
C ILE A 368 -7.57 -46.70 5.46
N ILE A 369 -8.48 -46.96 6.39
CA ILE A 369 -8.25 -48.00 7.38
C ILE A 369 -8.13 -49.34 6.67
N ASP A 370 -7.18 -50.13 7.16
CA ASP A 370 -6.85 -51.43 6.59
C ASP A 370 -7.36 -52.59 7.43
N LYS A 371 -7.44 -52.39 8.74
CA LYS A 371 -7.89 -53.46 9.59
C LYS A 371 -8.23 -53.04 11.02
N VAL A 372 -9.36 -53.54 11.51
CA VAL A 372 -9.77 -53.28 12.87
C VAL A 372 -10.06 -54.66 13.41
N ASP A 373 -9.37 -55.01 14.48
CA ASP A 373 -9.55 -56.32 15.07
C ASP A 373 -9.52 -56.09 16.57
N GLY A 374 -10.52 -55.37 17.06
CA GLY A 374 -10.58 -55.07 18.48
C GLY A 374 -9.80 -53.81 18.76
N ASP A 375 -8.72 -53.97 19.51
CA ASP A 375 -7.90 -52.81 19.82
C ASP A 375 -6.85 -52.65 18.75
N PHE A 376 -6.55 -53.75 18.07
CA PHE A 376 -5.56 -53.75 17.00
C PHE A 376 -6.13 -53.00 15.82
N CYS A 377 -5.25 -52.31 15.12
CA CYS A 377 -5.66 -51.55 13.96
C CYS A 377 -4.44 -51.15 13.13
N SER A 378 -4.64 -51.08 11.82
CA SER A 378 -3.57 -50.71 10.91
C SER A 378 -4.20 -49.88 9.77
N LEU A 379 -3.58 -48.74 9.48
CA LEU A 379 -4.08 -47.87 8.43
C LEU A 379 -3.34 -48.20 7.16
N ASN A 380 -3.66 -47.45 6.11
CA ASN A 380 -3.00 -47.59 4.80
C ASN A 380 -2.67 -46.23 4.25
N GLU A 381 -1.53 -45.72 4.63
CA GLU A 381 -1.11 -44.38 4.18
C GLU A 381 -0.53 -44.43 2.77
N PHE A 382 -0.64 -43.31 2.06
CA PHE A 382 -0.12 -43.21 0.71
C PHE A 382 0.47 -41.82 0.47
N SER A 383 1.06 -41.65 -0.72
CA SER A 383 1.65 -40.38 -1.12
C SER A 383 1.36 -40.26 -2.61
N ILE A 384 1.15 -39.04 -3.08
CA ILE A 384 0.82 -38.81 -4.48
C ILE A 384 1.72 -37.75 -5.08
N THR A 385 2.38 -38.08 -6.19
CA THR A 385 3.29 -37.15 -6.83
C THR A 385 2.64 -36.05 -7.68
N GLY A 386 3.29 -34.88 -7.72
CA GLY A 386 2.77 -33.78 -8.50
C GLY A 386 2.18 -32.64 -7.68
N SER A 387 2.56 -31.42 -8.02
CA SER A 387 2.06 -30.27 -7.32
C SER A 387 1.07 -29.52 -8.21
N THR A 388 1.21 -29.71 -9.52
CA THR A 388 0.35 -29.04 -10.46
C THR A 388 -1.05 -29.67 -10.52
N TYR A 389 -1.97 -28.97 -11.18
CA TYR A 389 -3.34 -29.46 -11.36
C TYR A 389 -3.32 -30.32 -12.63
N ALA A 390 -2.16 -30.90 -12.91
CA ALA A 390 -1.99 -31.72 -14.10
C ALA A 390 -2.16 -33.20 -13.80
N PRO A 391 -2.98 -33.88 -14.60
CA PRO A 391 -3.26 -35.31 -14.44
C PRO A 391 -2.03 -36.20 -14.67
N GLU A 392 -0.94 -35.85 -14.02
CA GLU A 392 0.28 -36.61 -14.16
C GLU A 392 0.90 -36.84 -12.79
N GLY A 393 1.17 -38.10 -12.48
CA GLY A 393 1.75 -38.44 -11.20
C GLY A 393 1.42 -39.88 -10.88
N GLU A 394 1.91 -40.37 -9.74
CA GLU A 394 1.65 -41.74 -9.35
C GLU A 394 1.31 -41.84 -7.88
N VAL A 395 0.84 -43.01 -7.48
CA VAL A 395 0.48 -43.25 -6.08
C VAL A 395 1.43 -44.28 -5.49
N LEU A 396 1.93 -44.00 -4.29
CA LEU A 396 2.91 -44.89 -3.66
C LEU A 396 2.63 -45.25 -2.21
N LYS A 397 3.00 -46.48 -1.85
CA LYS A 397 2.88 -46.97 -0.46
C LYS A 397 4.33 -47.28 -0.13
N ASN A 398 4.93 -46.50 0.75
CA ASN A 398 6.33 -46.66 1.12
C ASN A 398 7.20 -46.37 -0.11
N ASP A 399 6.91 -45.24 -0.76
CA ASP A 399 7.61 -44.77 -1.95
C ASP A 399 7.52 -45.71 -3.16
N LYS A 400 6.85 -46.84 -2.97
CA LYS A 400 6.72 -47.82 -4.04
C LYS A 400 5.43 -47.61 -4.85
N PRO A 401 5.59 -47.32 -6.16
CA PRO A 401 4.48 -47.10 -7.10
C PRO A 401 3.38 -48.17 -7.03
N ILE A 402 2.12 -47.75 -7.20
CA ILE A 402 0.97 -48.67 -7.12
C ILE A 402 -0.18 -48.34 -8.07
N ARG A 403 -0.88 -49.38 -8.49
CA ARG A 403 -2.07 -49.24 -9.33
C ARG A 403 -3.17 -49.15 -8.27
N SER A 404 -3.75 -47.96 -8.15
CA SER A 404 -4.81 -47.65 -7.17
C SER A 404 -5.96 -48.66 -7.09
N GLY A 405 -6.39 -49.15 -8.25
CA GLY A 405 -7.49 -50.11 -8.29
C GLY A 405 -7.47 -51.27 -7.29
N GLN A 406 -6.30 -51.86 -7.08
CA GLN A 406 -6.17 -53.00 -6.17
C GLN A 406 -6.71 -52.86 -4.75
N PHE A 407 -6.96 -51.63 -4.32
CA PHE A 407 -7.50 -51.40 -2.98
C PHE A 407 -8.97 -50.99 -3.10
N ASP A 408 -9.84 -51.74 -2.45
CA ASP A 408 -11.26 -51.40 -2.49
C ASP A 408 -11.44 -50.04 -1.86
N GLY A 409 -10.92 -49.88 -0.65
CA GLY A 409 -11.05 -48.60 0.03
C GLY A 409 -10.78 -47.39 -0.85
N LEU A 410 -9.75 -47.46 -1.69
CA LEU A 410 -9.41 -46.35 -2.57
C LEU A 410 -10.44 -46.11 -3.65
N VAL A 411 -11.07 -47.17 -4.14
CA VAL A 411 -12.08 -47.05 -5.18
C VAL A 411 -13.25 -46.18 -4.68
N GLU A 412 -13.58 -46.34 -3.40
CA GLU A 412 -14.65 -45.57 -2.78
C GLU A 412 -14.16 -44.14 -2.61
N LEU A 413 -13.12 -43.98 -1.80
CA LEU A 413 -12.50 -42.68 -1.54
C LEU A 413 -12.52 -41.85 -2.81
N ALA A 414 -11.89 -42.40 -3.84
CA ALA A 414 -11.79 -41.76 -5.14
C ALA A 414 -13.12 -41.18 -5.65
N THR A 415 -14.15 -42.00 -5.70
CA THR A 415 -15.45 -41.53 -6.19
C THR A 415 -15.91 -40.28 -5.42
N ILE A 416 -16.01 -40.43 -4.10
CA ILE A 416 -16.43 -39.33 -3.23
C ILE A 416 -15.80 -38.02 -3.69
N CYS A 417 -14.54 -38.10 -4.07
CA CYS A 417 -13.80 -36.94 -4.53
C CYS A 417 -14.33 -36.36 -5.82
N ALA A 418 -14.74 -37.22 -6.74
CA ALA A 418 -15.24 -36.74 -8.01
C ALA A 418 -16.72 -36.34 -7.90
N LEU A 419 -17.49 -37.07 -7.10
CA LEU A 419 -18.93 -36.81 -6.96
C LEU A 419 -19.29 -35.60 -6.10
N CYS A 420 -18.72 -35.53 -4.90
CA CYS A 420 -18.98 -34.42 -3.99
C CYS A 420 -18.55 -33.09 -4.63
N ASN A 421 -17.31 -33.07 -5.12
CA ASN A 421 -16.70 -31.90 -5.77
C ASN A 421 -17.53 -31.22 -6.90
N ASP A 422 -17.65 -29.89 -6.83
CA ASP A 422 -18.38 -29.12 -7.84
C ASP A 422 -17.40 -28.59 -8.88
N SER A 423 -16.14 -28.52 -8.48
CA SER A 423 -15.05 -28.04 -9.33
C SER A 423 -14.69 -29.06 -10.40
N SER A 424 -13.79 -28.66 -11.31
CA SER A 424 -13.37 -29.56 -12.37
C SER A 424 -12.10 -29.05 -13.03
N LEU A 425 -11.71 -29.73 -14.10
CA LEU A 425 -10.50 -29.37 -14.83
C LEU A 425 -10.73 -29.06 -16.28
N ASP A 426 -9.89 -28.17 -16.79
CA ASP A 426 -9.92 -27.78 -18.19
C ASP A 426 -8.48 -27.66 -18.62
N PHE A 427 -8.27 -27.80 -19.91
CA PHE A 427 -6.94 -27.67 -20.46
C PHE A 427 -7.02 -26.69 -21.61
N ASN A 428 -6.42 -25.50 -21.44
CA ASN A 428 -6.42 -24.49 -22.51
C ASN A 428 -5.23 -24.74 -23.46
N GLU A 429 -5.55 -25.05 -24.72
CA GLU A 429 -4.52 -25.35 -25.71
C GLU A 429 -3.51 -24.23 -25.98
N THR A 430 -3.94 -22.96 -25.87
CA THR A 430 -3.04 -21.82 -26.12
C THR A 430 -1.79 -21.79 -25.21
N LYS A 431 -2.01 -21.97 -23.91
CA LYS A 431 -0.94 -21.97 -22.91
C LYS A 431 -0.39 -23.38 -22.69
N GLY A 432 -1.12 -24.39 -23.19
CA GLY A 432 -0.70 -25.77 -23.03
C GLY A 432 -0.49 -26.17 -21.59
N VAL A 433 -1.46 -25.86 -20.73
CA VAL A 433 -1.39 -26.22 -19.32
C VAL A 433 -2.77 -26.55 -18.78
N TYR A 434 -2.80 -27.28 -17.67
CA TYR A 434 -4.05 -27.64 -17.03
C TYR A 434 -4.45 -26.52 -16.06
N GLU A 435 -5.72 -26.14 -16.11
CA GLU A 435 -6.22 -25.05 -15.28
C GLU A 435 -7.31 -25.46 -14.28
N LYS A 436 -7.30 -24.79 -13.14
CA LYS A 436 -8.27 -25.01 -12.07
C LYS A 436 -9.60 -24.37 -12.49
N VAL A 437 -10.65 -25.19 -12.61
CA VAL A 437 -11.96 -24.67 -13.00
C VAL A 437 -12.78 -24.14 -11.82
N GLY A 438 -12.98 -24.97 -10.80
CA GLY A 438 -13.75 -24.53 -9.65
C GLY A 438 -12.95 -23.85 -8.56
N GLU A 439 -12.93 -24.46 -7.37
CA GLU A 439 -12.18 -23.95 -6.24
C GLU A 439 -10.89 -24.73 -6.07
N ALA A 440 -9.84 -24.04 -5.64
CA ALA A 440 -8.53 -24.65 -5.45
C ALA A 440 -8.51 -25.98 -4.74
N THR A 441 -9.24 -26.09 -3.62
CA THR A 441 -9.20 -27.33 -2.87
C THR A 441 -10.01 -28.46 -3.47
N GLU A 442 -11.05 -28.13 -4.23
CA GLU A 442 -11.87 -29.16 -4.85
C GLU A 442 -11.24 -29.57 -6.19
N THR A 443 -10.81 -28.57 -6.95
CA THR A 443 -10.20 -28.80 -8.23
C THR A 443 -8.95 -29.68 -8.03
N ALA A 444 -8.51 -29.80 -6.78
CA ALA A 444 -7.35 -30.62 -6.49
C ALA A 444 -7.84 -32.06 -6.47
N LEU A 445 -8.90 -32.29 -5.70
CA LEU A 445 -9.49 -33.62 -5.60
C LEU A 445 -9.75 -34.10 -7.01
N THR A 446 -10.03 -33.16 -7.91
CA THR A 446 -10.27 -33.51 -9.30
C THR A 446 -9.03 -34.18 -9.87
N THR A 447 -7.88 -33.50 -9.82
CA THR A 447 -6.64 -34.09 -10.37
C THR A 447 -6.19 -35.32 -9.59
N LEU A 448 -6.57 -35.42 -8.32
CA LEU A 448 -6.20 -36.60 -7.54
C LEU A 448 -6.87 -37.79 -8.24
N VAL A 449 -8.15 -37.63 -8.53
CA VAL A 449 -8.92 -38.66 -9.21
C VAL A 449 -8.16 -39.08 -10.45
N GLU A 450 -7.95 -38.15 -11.37
CA GLU A 450 -7.24 -38.41 -12.60
C GLU A 450 -5.97 -39.24 -12.38
N LYS A 451 -5.13 -38.79 -11.45
CA LYS A 451 -3.87 -39.48 -11.19
C LYS A 451 -3.98 -40.90 -10.62
N MET A 452 -5.16 -41.28 -10.16
CA MET A 452 -5.34 -42.62 -9.57
C MET A 452 -6.52 -43.44 -10.13
N ASN A 453 -6.94 -43.16 -11.37
CA ASN A 453 -8.10 -43.86 -11.96
C ASN A 453 -8.21 -45.32 -11.55
N VAL A 454 -9.00 -45.53 -10.50
CA VAL A 454 -9.24 -46.82 -9.88
C VAL A 454 -9.49 -48.00 -10.82
N PHE A 455 -10.18 -47.76 -11.93
CA PHE A 455 -10.50 -48.85 -12.84
C PHE A 455 -9.50 -49.10 -13.98
N ASN A 456 -8.38 -48.38 -13.96
CA ASN A 456 -7.36 -48.51 -15.00
C ASN A 456 -7.87 -48.06 -16.36
N THR A 457 -9.12 -47.59 -16.39
CA THR A 457 -9.75 -47.12 -17.62
C THR A 457 -8.72 -46.39 -18.49
N GLU A 458 -8.20 -47.10 -19.48
CA GLU A 458 -7.19 -46.62 -20.41
C GLU A 458 -7.49 -45.25 -21.03
N VAL A 459 -6.55 -44.33 -20.90
CA VAL A 459 -6.73 -42.97 -21.40
C VAL A 459 -5.48 -42.43 -22.08
N ARG A 460 -4.36 -43.15 -21.94
CA ARG A 460 -3.09 -42.75 -22.52
C ARG A 460 -3.16 -42.23 -23.97
N ASN A 461 -3.95 -42.92 -24.81
CA ASN A 461 -4.11 -42.51 -26.21
C ASN A 461 -5.15 -41.39 -26.39
N LEU A 462 -5.11 -40.40 -25.49
CA LEU A 462 -6.02 -39.26 -25.55
C LEU A 462 -5.23 -37.98 -25.66
N SER A 463 -5.92 -36.94 -26.10
CA SER A 463 -5.32 -35.61 -26.18
C SER A 463 -5.38 -35.07 -24.75
N LYS A 464 -4.67 -33.99 -24.50
CA LYS A 464 -4.69 -33.43 -23.17
C LYS A 464 -6.08 -32.88 -22.86
N VAL A 465 -6.70 -32.24 -23.85
CA VAL A 465 -8.04 -31.65 -23.68
C VAL A 465 -9.03 -32.58 -22.99
N GLU A 466 -9.32 -33.70 -23.64
CA GLU A 466 -10.26 -34.69 -23.10
C GLU A 466 -9.67 -35.40 -21.87
N ARG A 467 -8.34 -35.51 -21.84
CA ARG A 467 -7.64 -36.15 -20.73
C ARG A 467 -7.93 -35.48 -19.38
N ALA A 468 -8.33 -34.21 -19.43
CA ALA A 468 -8.59 -33.41 -18.25
C ALA A 468 -9.60 -33.96 -17.26
N ASN A 469 -10.80 -34.30 -17.73
CA ASN A 469 -11.84 -34.81 -16.84
C ASN A 469 -12.18 -36.27 -17.08
N ALA A 470 -11.29 -36.99 -17.76
CA ALA A 470 -11.50 -38.39 -18.07
C ALA A 470 -12.02 -39.28 -16.91
N CYS A 471 -11.15 -39.58 -15.96
CA CYS A 471 -11.50 -40.44 -14.83
C CYS A 471 -12.65 -40.00 -13.90
N ASN A 472 -12.96 -38.70 -13.90
CA ASN A 472 -14.05 -38.21 -13.06
C ASN A 472 -15.37 -38.58 -13.75
N SER A 473 -15.54 -38.08 -14.97
CA SER A 473 -16.73 -38.33 -15.76
C SER A 473 -17.03 -39.84 -15.83
N VAL A 474 -15.99 -40.65 -15.62
CA VAL A 474 -16.17 -42.09 -15.61
C VAL A 474 -17.08 -42.34 -14.42
N ILE A 475 -16.63 -41.88 -13.26
CA ILE A 475 -17.40 -42.02 -12.03
C ILE A 475 -18.69 -41.19 -12.08
N ARG A 476 -18.67 -40.09 -12.84
CA ARG A 476 -19.84 -39.25 -12.95
C ARG A 476 -21.01 -40.04 -13.51
N GLN A 477 -20.74 -40.95 -14.44
CA GLN A 477 -21.80 -41.74 -15.07
C GLN A 477 -22.27 -42.97 -14.28
N LEU A 478 -21.41 -43.46 -13.41
CA LEU A 478 -21.73 -44.61 -12.58
C LEU A 478 -22.97 -44.26 -11.73
N MET A 479 -22.83 -43.25 -10.88
CA MET A 479 -23.92 -42.79 -10.01
C MET A 479 -24.56 -41.55 -10.65
N LYS A 480 -25.76 -41.21 -10.21
CA LYS A 480 -26.45 -40.03 -10.73
C LYS A 480 -26.59 -39.03 -9.60
N LYS A 481 -26.02 -37.85 -9.79
CA LYS A 481 -26.09 -36.79 -8.77
C LYS A 481 -27.52 -36.24 -8.67
N GLU A 482 -28.23 -36.64 -7.62
CA GLU A 482 -29.61 -36.19 -7.39
C GLU A 482 -29.66 -34.73 -6.89
N PHE A 483 -28.95 -34.43 -5.80
CA PHE A 483 -28.89 -33.07 -5.23
C PHE A 483 -27.75 -32.91 -4.21
N THR A 484 -27.34 -31.68 -3.94
CA THR A 484 -26.23 -31.46 -3.02
C THR A 484 -26.57 -30.58 -1.82
N LEU A 485 -26.03 -30.96 -0.67
CA LEU A 485 -26.21 -30.18 0.55
C LEU A 485 -24.94 -29.37 0.66
N GLU A 486 -24.99 -28.15 0.13
CA GLU A 486 -23.83 -27.29 0.15
C GLU A 486 -23.13 -27.10 1.50
N PHE A 487 -21.95 -26.51 1.42
CA PHE A 487 -21.12 -26.25 2.57
C PHE A 487 -21.78 -25.25 3.50
N SER A 488 -21.50 -25.38 4.80
CA SER A 488 -22.02 -24.47 5.81
C SER A 488 -21.02 -24.51 6.94
N ARG A 489 -20.56 -23.33 7.32
CA ARG A 489 -19.56 -23.19 8.37
C ARG A 489 -19.96 -23.76 9.72
N ASP A 490 -21.21 -24.13 9.88
CA ASP A 490 -21.60 -24.69 11.16
C ASP A 490 -21.10 -26.14 11.20
N ARG A 491 -21.55 -26.94 10.24
CA ARG A 491 -21.17 -28.34 10.19
C ARG A 491 -19.83 -28.58 9.51
N LYS A 492 -19.28 -27.54 8.88
CA LYS A 492 -17.98 -27.64 8.21
C LYS A 492 -17.89 -28.87 7.31
N SER A 493 -18.74 -28.96 6.31
CA SER A 493 -18.73 -30.11 5.43
C SER A 493 -19.87 -29.98 4.44
N MET A 494 -19.77 -30.72 3.35
CA MET A 494 -20.81 -30.71 2.33
C MET A 494 -21.02 -32.15 1.88
N SER A 495 -22.15 -32.44 1.24
CA SER A 495 -22.46 -33.79 0.76
C SER A 495 -23.20 -33.80 -0.56
N VAL A 496 -23.61 -35.00 -0.98
CA VAL A 496 -24.35 -35.18 -2.22
C VAL A 496 -25.13 -36.50 -2.18
N TYR A 497 -26.43 -36.42 -2.50
CA TYR A 497 -27.31 -37.58 -2.53
C TYR A 497 -27.23 -38.23 -3.92
N CYS A 498 -26.93 -39.54 -3.99
CA CYS A 498 -26.78 -40.21 -5.30
C CYS A 498 -27.54 -41.51 -5.60
N SER A 499 -28.02 -41.58 -6.85
CA SER A 499 -28.76 -42.72 -7.40
C SER A 499 -27.81 -43.59 -8.24
N PRO A 500 -28.12 -44.90 -8.37
CA PRO A 500 -27.29 -45.84 -9.14
C PRO A 500 -27.38 -45.74 -10.67
N ALA A 501 -28.51 -45.22 -11.17
CA ALA A 501 -28.73 -45.11 -12.60
C ALA A 501 -29.21 -46.47 -13.17
N LYS A 502 -28.50 -46.98 -14.18
CA LYS A 502 -28.87 -48.26 -14.79
C LYS A 502 -28.95 -49.42 -13.78
N SER A 503 -29.97 -50.27 -13.96
CA SER A 503 -30.21 -51.42 -13.10
C SER A 503 -29.02 -52.40 -12.97
N SER A 504 -29.20 -53.39 -12.11
CA SER A 504 -28.19 -54.41 -11.76
C SER A 504 -27.33 -53.76 -10.65
N ARG A 505 -27.60 -52.48 -10.41
CA ARG A 505 -26.93 -51.66 -9.40
C ARG A 505 -27.98 -51.26 -8.35
N ALA A 506 -29.26 -51.44 -8.70
CA ALA A 506 -30.40 -51.13 -7.84
C ALA A 506 -30.19 -51.36 -6.33
N ALA A 507 -29.70 -52.54 -5.95
CA ALA A 507 -29.42 -52.86 -4.53
C ALA A 507 -28.47 -51.79 -3.98
N VAL A 508 -28.62 -51.46 -2.69
CA VAL A 508 -27.80 -50.40 -2.06
C VAL A 508 -27.86 -49.18 -3.00
N GLY A 509 -29.08 -48.88 -3.45
CA GLY A 509 -29.33 -47.80 -4.39
C GLY A 509 -28.93 -46.38 -4.04
N ASN A 510 -29.60 -45.78 -3.07
CA ASN A 510 -29.28 -44.41 -2.71
C ASN A 510 -28.19 -44.34 -1.66
N LYS A 511 -27.20 -43.52 -1.96
CA LYS A 511 -26.05 -43.31 -1.09
C LYS A 511 -25.86 -41.80 -0.86
N MET A 512 -25.07 -41.46 0.14
CA MET A 512 -24.82 -40.07 0.47
C MET A 512 -23.32 -39.86 0.79
N PHE A 513 -22.59 -39.18 -0.10
CA PHE A 513 -21.16 -38.94 0.07
C PHE A 513 -20.76 -37.63 0.75
N VAL A 514 -20.06 -37.72 1.88
CA VAL A 514 -19.67 -36.53 2.63
C VAL A 514 -18.16 -36.22 2.69
N LYS A 515 -17.85 -34.92 2.78
CA LYS A 515 -16.48 -34.44 2.88
C LYS A 515 -16.44 -33.10 3.64
N GLY A 516 -15.63 -33.04 4.69
CA GLY A 516 -15.50 -31.82 5.48
C GLY A 516 -14.32 -31.86 6.45
N ALA A 517 -14.38 -31.02 7.48
CA ALA A 517 -13.32 -30.96 8.51
C ALA A 517 -13.37 -32.31 9.22
N PRO A 518 -12.21 -32.95 9.44
CA PRO A 518 -12.11 -34.25 10.11
C PRO A 518 -12.80 -34.40 11.47
N GLU A 519 -12.40 -33.58 12.45
CA GLU A 519 -12.99 -33.65 13.77
C GLU A 519 -14.48 -33.51 13.59
N GLY A 520 -14.88 -32.57 12.74
CA GLY A 520 -16.29 -32.39 12.47
C GLY A 520 -16.92 -33.72 12.08
N VAL A 521 -16.82 -34.07 10.81
CA VAL A 521 -17.43 -35.30 10.31
C VAL A 521 -17.13 -36.59 11.09
N ILE A 522 -15.90 -36.81 11.52
CA ILE A 522 -15.60 -38.05 12.27
C ILE A 522 -16.41 -38.23 13.56
N ASP A 523 -16.84 -37.14 14.18
CA ASP A 523 -17.64 -37.23 15.40
C ASP A 523 -19.06 -37.68 15.02
N ARG A 524 -19.33 -37.72 13.72
CA ARG A 524 -20.64 -38.13 13.20
C ARG A 524 -20.58 -39.52 12.59
N CYS A 525 -19.43 -40.18 12.75
CA CYS A 525 -19.25 -41.51 12.19
C CYS A 525 -19.39 -42.63 13.19
N ASN A 526 -20.31 -43.56 12.92
CA ASN A 526 -20.52 -44.71 13.77
C ASN A 526 -19.94 -45.96 13.14
N TYR A 527 -19.49 -45.85 11.90
CA TYR A 527 -18.90 -46.98 11.20
C TYR A 527 -17.60 -46.58 10.51
N VAL A 528 -16.92 -47.56 9.93
CA VAL A 528 -15.66 -47.33 9.23
C VAL A 528 -15.58 -48.38 8.12
N ARG A 529 -15.27 -47.98 6.90
CA ARG A 529 -15.20 -48.97 5.84
C ARG A 529 -13.80 -49.55 5.64
N VAL A 530 -13.68 -50.83 5.96
CA VAL A 530 -12.42 -51.56 5.80
C VAL A 530 -12.53 -52.42 4.54
N GLY A 531 -12.25 -51.82 3.38
CA GLY A 531 -12.32 -52.54 2.13
C GLY A 531 -13.71 -52.39 1.53
N THR A 532 -14.50 -53.45 1.61
CA THR A 532 -15.87 -53.43 1.12
C THR A 532 -16.76 -53.67 2.33
N THR A 533 -16.15 -54.17 3.39
CA THR A 533 -16.88 -54.44 4.62
C THR A 533 -17.02 -53.18 5.46
N ARG A 534 -17.65 -53.32 6.63
CA ARG A 534 -17.89 -52.21 7.54
C ARG A 534 -17.80 -52.67 8.98
N VAL A 535 -17.47 -51.76 9.89
CA VAL A 535 -17.31 -52.11 11.28
C VAL A 535 -17.59 -50.92 12.19
N PRO A 536 -18.17 -51.17 13.37
CA PRO A 536 -18.50 -50.12 14.33
C PRO A 536 -17.32 -49.27 14.77
N MET A 537 -17.36 -47.98 14.43
CA MET A 537 -16.34 -47.02 14.81
C MET A 537 -16.02 -47.11 16.32
N THR A 538 -14.86 -47.67 16.66
CA THR A 538 -14.49 -47.79 18.08
C THR A 538 -13.45 -46.79 18.51
N GLY A 539 -13.42 -46.50 19.81
CA GLY A 539 -12.47 -45.54 20.35
C GLY A 539 -11.04 -45.72 19.84
N PRO A 540 -10.50 -46.95 19.91
CA PRO A 540 -9.14 -47.20 19.43
C PRO A 540 -8.94 -46.73 17.99
N VAL A 541 -9.84 -47.14 17.11
CA VAL A 541 -9.74 -46.76 15.72
C VAL A 541 -9.84 -45.25 15.55
N LYS A 542 -10.63 -44.61 16.41
CA LYS A 542 -10.83 -43.17 16.34
C LYS A 542 -9.60 -42.36 16.77
N GLU A 543 -8.92 -42.82 17.81
CA GLU A 543 -7.71 -42.15 18.29
C GLU A 543 -6.69 -42.22 17.18
N LYS A 544 -6.48 -43.41 16.66
CA LYS A 544 -5.52 -43.64 15.59
C LYS A 544 -5.81 -42.73 14.39
N ILE A 545 -7.10 -42.50 14.11
CA ILE A 545 -7.42 -41.66 12.96
C ILE A 545 -7.10 -40.20 13.23
N LEU A 546 -7.51 -39.71 14.40
CA LEU A 546 -7.28 -38.32 14.78
C LEU A 546 -5.81 -38.02 15.05
N SER A 547 -5.02 -39.07 15.26
CA SER A 547 -3.60 -38.92 15.54
C SER A 547 -2.83 -38.57 14.29
N VAL A 548 -3.09 -39.32 13.22
CA VAL A 548 -2.45 -39.11 11.94
C VAL A 548 -2.91 -37.78 11.36
N ILE A 549 -4.16 -37.43 11.65
CA ILE A 549 -4.71 -36.17 11.17
C ILE A 549 -3.89 -35.01 11.73
N LYS A 550 -3.32 -35.18 12.92
CA LYS A 550 -2.54 -34.10 13.53
C LYS A 550 -1.08 -34.06 13.06
N GLU A 551 -0.49 -35.21 12.80
CA GLU A 551 0.91 -35.21 12.32
C GLU A 551 0.91 -34.54 10.94
N TRP A 552 -0.20 -34.68 10.22
CA TRP A 552 -0.29 -34.12 8.89
C TRP A 552 -0.53 -32.62 8.86
N GLY A 553 -1.25 -32.11 9.85
CA GLY A 553 -1.53 -30.67 9.89
C GLY A 553 -0.54 -29.91 10.75
N THR A 554 0.06 -30.61 11.72
CA THR A 554 1.02 -30.01 12.64
C THR A 554 2.48 -30.27 12.28
N GLY A 555 2.74 -31.43 11.68
CA GLY A 555 4.10 -31.77 11.30
C GLY A 555 4.67 -30.91 10.19
N ARG A 556 5.97 -31.05 9.98
CA ARG A 556 6.69 -30.30 8.96
C ARG A 556 5.93 -30.26 7.62
N ASP A 557 4.95 -31.15 7.45
CA ASP A 557 4.14 -31.22 6.22
C ASP A 557 3.23 -29.99 6.07
N THR A 558 2.63 -29.57 7.18
CA THR A 558 1.70 -28.44 7.21
C THR A 558 0.59 -28.67 6.16
N LEU A 559 -0.07 -29.83 6.26
CA LEU A 559 -1.14 -30.21 5.33
C LEU A 559 -2.56 -29.94 5.81
N ARG A 560 -3.40 -29.52 4.87
CA ARG A 560 -4.80 -29.26 5.17
C ARG A 560 -5.49 -30.60 5.01
N CYS A 561 -6.32 -30.99 5.96
CA CYS A 561 -6.98 -32.29 5.87
C CYS A 561 -8.48 -32.34 5.64
N LEU A 562 -8.89 -33.22 4.72
CA LEU A 562 -10.28 -33.43 4.39
C LEU A 562 -10.73 -34.87 4.67
N ALA A 563 -11.71 -35.04 5.56
CA ALA A 563 -12.22 -36.36 5.87
C ALA A 563 -13.29 -36.73 4.83
N LEU A 564 -13.18 -37.91 4.23
CA LEU A 564 -14.17 -38.37 3.26
C LEU A 564 -14.95 -39.54 3.88
N ALA A 565 -16.27 -39.44 3.89
CA ALA A 565 -17.07 -40.52 4.48
C ALA A 565 -18.27 -40.83 3.61
N THR A 566 -19.19 -41.64 4.15
CA THR A 566 -20.38 -41.99 3.42
C THR A 566 -21.51 -42.45 4.32
N ARG A 567 -22.74 -42.08 3.94
CA ARG A 567 -23.92 -42.52 4.68
C ARG A 567 -24.55 -43.62 3.82
N ASP A 568 -24.37 -44.85 4.28
CA ASP A 568 -24.87 -46.02 3.59
C ASP A 568 -26.37 -46.04 3.46
N THR A 569 -27.05 -45.82 4.58
CA THR A 569 -28.51 -45.80 4.58
C THR A 569 -28.96 -44.37 4.83
N PRO A 570 -28.99 -43.57 3.76
CA PRO A 570 -29.40 -42.17 3.78
C PRO A 570 -30.92 -42.03 3.96
N PRO A 571 -31.37 -41.02 4.72
CA PRO A 571 -32.82 -40.86 4.91
C PRO A 571 -33.55 -40.82 3.57
N LYS A 572 -34.79 -41.33 3.57
CA LYS A 572 -35.61 -41.39 2.37
C LYS A 572 -35.64 -40.02 1.69
N ARG A 573 -35.54 -40.03 0.37
CA ARG A 573 -35.49 -38.78 -0.37
C ARG A 573 -36.52 -37.72 0.04
N GLU A 574 -37.78 -38.10 0.10
CA GLU A 574 -38.83 -37.14 0.46
C GLU A 574 -38.77 -36.66 1.90
N GLU A 575 -38.06 -37.38 2.73
CA GLU A 575 -37.95 -37.00 4.13
C GLU A 575 -36.89 -35.94 4.35
N MET A 576 -36.39 -35.37 3.25
CA MET A 576 -35.38 -34.33 3.37
C MET A 576 -35.84 -32.98 2.82
N VAL A 577 -35.60 -31.94 3.59
CA VAL A 577 -35.95 -30.58 3.19
C VAL A 577 -34.64 -29.97 2.69
N LEU A 578 -34.48 -29.93 1.37
CA LEU A 578 -33.28 -29.44 0.72
C LEU A 578 -33.07 -27.92 0.72
N ASP A 579 -33.56 -27.18 1.71
CA ASP A 579 -33.37 -25.72 1.72
C ASP A 579 -33.21 -25.07 3.08
N ASP A 580 -32.44 -25.69 3.95
CA ASP A 580 -32.19 -25.14 5.28
C ASP A 580 -30.86 -25.63 5.85
N SER A 581 -29.81 -24.90 5.52
CA SER A 581 -28.46 -25.22 5.95
C SER A 581 -28.44 -25.79 7.35
N SER A 582 -29.43 -25.40 8.16
CA SER A 582 -29.51 -25.85 9.54
C SER A 582 -29.74 -27.35 9.70
N ARG A 583 -30.60 -27.93 8.86
CA ARG A 583 -30.90 -29.36 8.96
C ARG A 583 -29.94 -30.29 8.25
N PHE A 584 -29.13 -29.75 7.34
CA PHE A 584 -28.20 -30.59 6.60
C PHE A 584 -27.27 -31.36 7.51
N MET A 585 -26.91 -30.75 8.64
CA MET A 585 -26.01 -31.43 9.56
C MET A 585 -26.67 -32.71 10.10
N GLU A 586 -27.98 -32.65 10.34
CA GLU A 586 -28.70 -33.81 10.84
C GLU A 586 -28.83 -34.91 9.81
N TYR A 587 -28.82 -34.54 8.53
CA TYR A 587 -28.91 -35.51 7.42
C TYR A 587 -27.55 -36.15 7.17
N GLU A 588 -26.49 -35.49 7.65
CA GLU A 588 -25.12 -35.99 7.48
C GLU A 588 -24.61 -36.67 8.75
N THR A 589 -25.38 -37.61 9.28
CA THR A 589 -24.96 -38.30 10.48
C THR A 589 -25.03 -39.81 10.27
N ASP A 590 -24.62 -40.57 11.29
CA ASP A 590 -24.59 -42.03 11.21
C ASP A 590 -23.81 -42.38 9.96
N LEU A 591 -22.59 -41.87 9.90
CA LEU A 591 -21.72 -42.07 8.75
C LEU A 591 -20.69 -43.14 9.01
N THR A 592 -20.14 -43.68 7.93
CA THR A 592 -19.07 -44.66 8.06
C THR A 592 -17.89 -44.01 7.35
N PHE A 593 -16.87 -43.71 8.14
CA PHE A 593 -15.64 -43.08 7.69
C PHE A 593 -14.96 -43.93 6.63
N VAL A 594 -14.53 -43.32 5.51
CA VAL A 594 -13.85 -44.15 4.52
C VAL A 594 -12.36 -43.80 4.42
N GLY A 595 -12.01 -42.52 4.59
CA GLY A 595 -10.61 -42.13 4.52
C GLY A 595 -10.35 -40.64 4.38
N VAL A 596 -9.20 -40.17 4.84
CA VAL A 596 -8.88 -38.74 4.74
C VAL A 596 -7.84 -38.45 3.66
N VAL A 597 -7.90 -37.24 3.13
CA VAL A 597 -7.01 -36.77 2.06
C VAL A 597 -6.28 -35.51 2.49
N GLY A 598 -4.96 -35.53 2.44
CA GLY A 598 -4.19 -34.35 2.83
C GLY A 598 -3.54 -33.64 1.66
N MET A 599 -3.97 -32.40 1.39
CA MET A 599 -3.41 -31.61 0.29
C MET A 599 -2.52 -30.49 0.79
N LEU A 600 -1.71 -29.94 -0.12
CA LEU A 600 -0.77 -28.89 0.22
C LEU A 600 -0.83 -27.58 -0.56
N ASP A 601 -0.64 -26.48 0.17
CA ASP A 601 -0.60 -25.17 -0.41
C ASP A 601 0.83 -24.73 -0.18
N PRO A 602 1.70 -25.18 -1.18
CA PRO A 602 3.11 -24.88 -1.16
C PRO A 602 3.42 -23.39 -1.04
N PRO A 603 4.47 -23.02 -0.23
CA PRO A 603 4.81 -21.61 -0.09
C PRO A 603 5.58 -21.23 -1.34
N ARG A 604 5.60 -19.96 -1.69
CA ARG A 604 6.33 -19.52 -2.88
C ARG A 604 7.83 -19.63 -2.67
N LYS A 605 8.55 -19.85 -3.76
CA LYS A 605 10.01 -19.97 -3.71
C LYS A 605 10.63 -18.82 -2.92
N GLU A 606 10.61 -17.64 -3.54
CA GLU A 606 11.17 -16.42 -2.97
C GLU A 606 10.52 -15.94 -1.67
N VAL A 607 9.82 -16.81 -0.96
CA VAL A 607 9.20 -16.37 0.29
C VAL A 607 10.10 -16.64 1.48
N MET A 608 10.63 -17.86 1.55
CA MET A 608 11.51 -18.29 2.63
C MET A 608 12.58 -17.26 2.93
N GLY A 609 13.33 -16.89 1.90
CA GLY A 609 14.38 -15.91 2.07
C GLY A 609 13.85 -14.54 2.39
N SER A 610 12.73 -14.17 1.76
CA SER A 610 12.13 -12.87 2.00
C SER A 610 11.81 -12.71 3.48
N ILE A 611 11.34 -13.80 4.09
CA ILE A 611 11.04 -13.75 5.51
C ILE A 611 12.33 -13.57 6.30
N GLN A 612 13.40 -14.21 5.85
CA GLN A 612 14.68 -14.10 6.53
C GLN A 612 15.19 -12.67 6.45
N LEU A 613 15.04 -12.06 5.28
CA LEU A 613 15.47 -10.67 5.07
C LEU A 613 14.91 -9.75 6.13
N CYS A 614 13.60 -9.86 6.35
CA CYS A 614 12.89 -9.05 7.33
C CYS A 614 13.48 -9.23 8.73
N ARG A 615 13.99 -10.43 9.01
CA ARG A 615 14.59 -10.70 10.29
C ARG A 615 15.77 -9.76 10.42
N ASP A 616 16.66 -9.80 9.43
CA ASP A 616 17.83 -8.94 9.40
C ASP A 616 17.42 -7.47 9.34
N ALA A 617 16.33 -7.21 8.65
CA ALA A 617 15.84 -5.85 8.52
C ALA A 617 15.03 -5.38 9.72
N GLY A 618 15.00 -6.17 10.78
CA GLY A 618 14.25 -5.80 11.98
C GLY A 618 12.77 -5.55 11.75
N ILE A 619 12.21 -6.18 10.73
CA ILE A 619 10.79 -6.00 10.43
C ILE A 619 10.00 -7.21 10.89
N ARG A 620 8.99 -6.99 11.74
CA ARG A 620 8.16 -8.09 12.22
C ARG A 620 7.19 -8.45 11.13
N VAL A 621 6.98 -9.75 10.92
CA VAL A 621 6.06 -10.24 9.90
C VAL A 621 4.90 -10.95 10.57
N ILE A 622 3.68 -10.50 10.30
CA ILE A 622 2.51 -11.12 10.89
C ILE A 622 1.64 -11.74 9.82
N MET A 623 1.39 -13.05 9.95
CA MET A 623 0.57 -13.81 9.00
C MET A 623 -0.91 -13.70 9.32
N ILE A 624 -1.73 -13.70 8.29
CA ILE A 624 -3.17 -13.65 8.49
C ILE A 624 -3.74 -14.72 7.59
N THR A 625 -4.11 -15.85 8.20
CA THR A 625 -4.62 -16.99 7.47
C THR A 625 -6.03 -17.46 7.86
N GLY A 626 -6.46 -18.51 7.17
CA GLY A 626 -7.76 -19.10 7.42
C GLY A 626 -7.57 -20.45 8.07
N ASP A 627 -6.35 -20.98 7.96
CA ASP A 627 -6.03 -22.27 8.57
C ASP A 627 -6.38 -22.23 10.06
N ASN A 628 -6.45 -23.39 10.70
CA ASN A 628 -6.70 -23.41 12.12
C ASN A 628 -5.33 -23.05 12.68
N LYS A 629 -5.23 -22.63 13.94
CA LYS A 629 -3.93 -22.24 14.46
C LYS A 629 -2.95 -23.40 14.60
N GLY A 630 -3.49 -24.62 14.63
CA GLY A 630 -2.62 -25.78 14.74
C GLY A 630 -1.72 -25.85 13.53
N THR A 631 -2.32 -25.84 12.34
CA THR A 631 -1.56 -25.91 11.10
C THR A 631 -1.01 -24.51 10.79
N ALA A 632 -1.78 -23.47 11.15
CA ALA A 632 -1.34 -22.10 10.92
C ALA A 632 0.08 -22.04 11.46
N ILE A 633 0.23 -22.28 12.74
CA ILE A 633 1.54 -22.28 13.39
C ILE A 633 2.56 -23.12 12.62
N ALA A 634 2.12 -24.26 12.10
CA ALA A 634 3.01 -25.14 11.34
C ALA A 634 3.54 -24.41 10.12
N ILE A 635 2.62 -23.80 9.37
CA ILE A 635 2.97 -23.03 8.18
C ILE A 635 3.87 -21.85 8.54
N CYS A 636 3.67 -21.30 9.73
CA CYS A 636 4.48 -20.19 10.20
C CYS A 636 5.92 -20.68 10.47
N ARG A 637 6.06 -21.93 10.94
CA ARG A 637 7.39 -22.49 11.18
C ARG A 637 8.04 -22.86 9.87
N ARG A 638 7.25 -23.44 8.98
CA ARG A 638 7.75 -23.87 7.68
C ARG A 638 8.43 -22.74 6.87
N ILE A 639 7.89 -21.53 6.95
CA ILE A 639 8.46 -20.40 6.20
C ILE A 639 9.44 -19.54 6.99
N GLY A 640 9.41 -19.62 8.32
CA GLY A 640 10.36 -18.84 9.07
C GLY A 640 9.81 -17.87 10.07
N ILE A 641 8.50 -17.69 10.09
CA ILE A 641 7.95 -16.77 11.07
C ILE A 641 8.37 -17.31 12.43
N PHE A 642 8.30 -18.63 12.60
CA PHE A 642 8.68 -19.26 13.87
C PHE A 642 9.83 -20.25 13.67
N GLY A 643 10.55 -20.55 14.75
CA GLY A 643 11.63 -21.50 14.65
C GLY A 643 10.97 -22.87 14.73
N GLU A 644 11.68 -23.93 14.38
CA GLU A 644 11.05 -25.25 14.42
C GLU A 644 10.77 -25.71 15.85
N ASN A 645 11.55 -25.21 16.82
CA ASN A 645 11.37 -25.58 18.23
C ASN A 645 11.04 -24.37 19.11
N GLU A 646 10.70 -23.27 18.47
CA GLU A 646 10.37 -22.05 19.17
C GLU A 646 8.97 -22.09 19.83
N GLU A 647 8.88 -21.59 21.05
CA GLU A 647 7.60 -21.54 21.78
C GLU A 647 6.70 -20.48 21.15
N VAL A 648 5.40 -20.72 21.13
CA VAL A 648 4.46 -19.78 20.53
C VAL A 648 3.17 -19.57 21.33
N ALA A 649 3.24 -19.74 22.65
CA ALA A 649 2.09 -19.57 23.51
C ALA A 649 1.36 -18.23 23.26
N ASP A 650 2.01 -17.13 23.58
CA ASP A 650 1.41 -15.81 23.41
C ASP A 650 1.85 -15.10 22.15
N ARG A 651 2.01 -15.84 21.05
CA ARG A 651 2.45 -15.25 19.79
C ARG A 651 1.60 -15.68 18.61
N ALA A 652 0.51 -16.38 18.89
CA ALA A 652 -0.40 -16.84 17.85
C ALA A 652 -1.79 -16.95 18.43
N TYR A 653 -2.73 -16.16 17.94
CA TYR A 653 -4.08 -16.20 18.44
C TYR A 653 -5.06 -16.43 17.31
N THR A 654 -6.30 -16.69 17.68
CA THR A 654 -7.34 -16.92 16.69
C THR A 654 -8.36 -15.81 16.82
N GLY A 655 -9.18 -15.63 15.80
CA GLY A 655 -10.19 -14.58 15.83
C GLY A 655 -11.04 -14.57 17.09
N ARG A 656 -11.27 -15.75 17.65
CA ARG A 656 -12.08 -15.89 18.86
C ARG A 656 -11.26 -15.59 20.10
N GLU A 657 -10.15 -16.32 20.26
CA GLU A 657 -9.27 -16.17 21.40
C GLU A 657 -9.04 -14.69 21.66
N PHE A 658 -8.67 -13.99 20.58
CA PHE A 658 -8.42 -12.55 20.61
C PHE A 658 -9.64 -11.79 21.14
N ASP A 659 -10.80 -12.02 20.53
CA ASP A 659 -12.02 -11.35 20.97
C ASP A 659 -12.34 -11.61 22.43
N ASP A 660 -12.03 -12.81 22.88
CA ASP A 660 -12.27 -13.21 24.26
C ASP A 660 -11.32 -12.54 25.25
N LEU A 661 -10.46 -11.65 24.74
CA LEU A 661 -9.53 -10.97 25.62
C LEU A 661 -9.98 -9.55 25.88
N PRO A 662 -9.63 -9.03 27.06
CA PRO A 662 -10.00 -7.67 27.44
C PRO A 662 -9.04 -6.68 26.71
N LEU A 663 -9.60 -5.54 26.26
CA LEU A 663 -8.85 -4.52 25.51
C LEU A 663 -7.39 -4.36 25.87
N ALA A 664 -7.05 -4.68 27.11
CA ALA A 664 -5.66 -4.59 27.58
C ALA A 664 -4.81 -5.70 26.97
N GLU A 665 -5.06 -6.94 27.37
CA GLU A 665 -4.31 -8.11 26.86
C GLU A 665 -4.40 -8.18 25.34
N GLN A 666 -5.56 -7.75 24.82
CA GLN A 666 -5.79 -7.73 23.40
C GLN A 666 -4.64 -6.89 22.80
N ARG A 667 -4.45 -5.70 23.34
CA ARG A 667 -3.39 -4.81 22.88
C ARG A 667 -2.02 -5.43 23.08
N GLU A 668 -1.78 -5.92 24.29
CA GLU A 668 -0.50 -6.54 24.62
C GLU A 668 -0.12 -7.64 23.63
N ALA A 669 -1.12 -8.43 23.24
CA ALA A 669 -0.93 -9.51 22.31
C ALA A 669 -0.33 -9.06 20.98
N CYS A 670 -0.86 -7.98 20.44
CA CYS A 670 -0.40 -7.46 19.15
C CYS A 670 1.06 -7.05 19.02
N ARG A 671 1.74 -6.76 20.13
CA ARG A 671 3.14 -6.36 19.99
C ARG A 671 4.09 -7.55 19.98
N ARG A 672 3.52 -8.76 20.07
CA ARG A 672 4.28 -10.00 20.10
C ARG A 672 3.80 -11.08 19.11
N ALA A 673 2.49 -11.13 18.87
CA ALA A 673 1.87 -12.09 17.98
C ALA A 673 2.44 -12.05 16.57
N CYS A 674 2.27 -13.13 15.83
CA CYS A 674 2.78 -13.22 14.47
C CYS A 674 1.92 -14.07 13.56
N CYS A 675 1.18 -14.99 14.15
CA CYS A 675 0.33 -15.88 13.38
C CYS A 675 -1.09 -15.70 13.91
N PHE A 676 -1.95 -15.05 13.12
CA PHE A 676 -3.37 -14.81 13.43
C PHE A 676 -4.24 -15.63 12.48
N ALA A 677 -4.86 -16.70 12.99
CA ALA A 677 -5.69 -17.57 12.16
C ALA A 677 -7.18 -17.37 12.31
N ARG A 678 -7.89 -17.74 11.25
CA ARG A 678 -9.35 -17.63 11.20
C ARG A 678 -9.74 -16.31 11.80
N VAL A 679 -9.44 -15.26 11.05
CA VAL A 679 -9.69 -13.89 11.46
C VAL A 679 -10.82 -13.18 10.72
N GLU A 680 -11.79 -12.69 11.49
CA GLU A 680 -12.93 -11.97 10.95
C GLU A 680 -12.49 -10.60 10.33
N PRO A 681 -13.41 -9.88 9.65
CA PRO A 681 -13.10 -8.58 9.02
C PRO A 681 -12.68 -7.46 9.96
N SER A 682 -13.45 -7.28 11.03
CA SER A 682 -13.20 -6.23 12.01
C SER A 682 -11.74 -6.28 12.43
N HIS A 683 -11.27 -7.49 12.70
CA HIS A 683 -9.91 -7.70 13.16
C HIS A 683 -8.78 -6.95 12.44
N LYS A 684 -8.62 -7.16 11.15
CA LYS A 684 -7.57 -6.45 10.44
C LYS A 684 -7.49 -4.98 10.87
N SER A 685 -8.64 -4.35 11.14
CA SER A 685 -8.63 -2.95 11.54
C SER A 685 -8.23 -2.73 12.99
N LYS A 686 -8.49 -3.70 13.85
CA LYS A 686 -8.12 -3.55 15.25
C LYS A 686 -6.60 -3.76 15.38
N ILE A 687 -6.09 -4.82 14.76
CA ILE A 687 -4.67 -5.12 14.80
C ILE A 687 -3.82 -3.94 14.34
N VAL A 688 -4.35 -3.15 13.41
CA VAL A 688 -3.62 -1.99 12.92
C VAL A 688 -3.59 -0.91 13.99
N GLU A 689 -4.74 -0.58 14.55
CA GLU A 689 -4.78 0.47 15.55
C GLU A 689 -3.89 0.16 16.74
N TYR A 690 -3.75 -1.11 17.06
CA TYR A 690 -2.90 -1.51 18.18
C TYR A 690 -1.43 -1.38 17.82
N LEU A 691 -1.07 -1.85 16.63
CA LEU A 691 0.31 -1.77 16.17
C LEU A 691 0.72 -0.30 16.09
N GLN A 692 -0.28 0.58 15.98
CA GLN A 692 -0.09 2.02 15.91
C GLN A 692 0.08 2.62 17.31
N SER A 693 -0.60 2.02 18.28
CA SER A 693 -0.50 2.50 19.64
C SER A 693 0.90 2.17 20.14
N TYR A 694 1.70 1.54 19.28
CA TYR A 694 3.08 1.17 19.60
C TYR A 694 3.99 1.89 18.63
N ASP A 695 3.49 3.00 18.13
CA ASP A 695 4.19 3.85 17.18
C ASP A 695 4.89 3.09 16.07
N GLU A 696 4.24 2.08 15.54
CA GLU A 696 4.81 1.29 14.46
C GLU A 696 4.21 1.58 13.11
N ILE A 697 5.04 1.52 12.08
CA ILE A 697 4.61 1.74 10.71
C ILE A 697 4.31 0.38 10.12
N THR A 698 3.02 0.02 10.03
CA THR A 698 2.65 -1.28 9.52
C THR A 698 2.08 -1.31 8.12
N ALA A 699 2.21 -2.47 7.51
CA ALA A 699 1.71 -2.70 6.18
C ALA A 699 0.58 -3.76 6.28
N MET A 700 -0.44 -3.60 5.45
CA MET A 700 -1.58 -4.50 5.50
C MET A 700 -1.99 -4.93 4.08
N THR A 701 -2.14 -6.24 3.87
CA THR A 701 -2.54 -6.76 2.57
C THR A 701 -4.05 -6.98 2.53
N GLY A 702 -4.62 -6.84 1.35
CA GLY A 702 -6.04 -7.03 1.19
C GLY A 702 -6.35 -7.22 -0.26
N ASP A 703 -7.46 -7.85 -0.57
CA ASP A 703 -7.85 -8.09 -1.95
C ASP A 703 -9.23 -7.51 -2.26
N GLY A 704 -10.19 -7.77 -1.38
CA GLY A 704 -11.54 -7.29 -1.61
C GLY A 704 -11.94 -5.98 -0.99
N VAL A 705 -13.18 -5.57 -1.22
CA VAL A 705 -13.70 -4.32 -0.67
C VAL A 705 -13.79 -4.34 0.85
N ASN A 706 -13.93 -5.52 1.41
CA ASN A 706 -14.02 -5.65 2.86
C ASN A 706 -12.70 -5.26 3.54
N ASP A 707 -11.61 -5.32 2.78
CA ASP A 707 -10.29 -4.98 3.29
C ASP A 707 -9.98 -3.49 3.21
N ALA A 708 -10.71 -2.77 2.35
CA ALA A 708 -10.47 -1.34 2.16
C ALA A 708 -10.39 -0.54 3.45
N PRO A 709 -11.29 -0.80 4.41
CA PRO A 709 -11.23 -0.05 5.66
C PRO A 709 -9.87 -0.22 6.30
N ALA A 710 -9.45 -1.47 6.45
CA ALA A 710 -8.15 -1.82 7.03
C ALA A 710 -7.02 -1.22 6.21
N LEU A 711 -7.03 -1.50 4.91
CA LEU A 711 -5.99 -0.96 4.03
C LEU A 711 -5.85 0.55 4.16
N LYS A 712 -6.97 1.26 4.23
CA LYS A 712 -6.92 2.71 4.33
C LYS A 712 -6.44 3.19 5.70
N LYS A 713 -6.32 2.31 6.66
CA LYS A 713 -5.88 2.76 7.96
C LYS A 713 -4.45 2.34 8.25
N ALA A 714 -3.97 1.33 7.54
CA ALA A 714 -2.60 0.86 7.74
C ALA A 714 -1.70 1.95 7.15
N GLU A 715 -0.50 2.13 7.70
CA GLU A 715 0.38 3.17 7.19
C GLU A 715 0.57 2.97 5.70
N ILE A 716 0.70 1.71 5.29
CA ILE A 716 0.85 1.37 3.87
C ILE A 716 -0.05 0.18 3.56
N GLY A 717 -1.09 0.42 2.78
CA GLY A 717 -1.99 -0.66 2.42
C GLY A 717 -1.50 -1.29 1.13
N ILE A 718 -1.36 -2.61 1.14
CA ILE A 718 -0.90 -3.32 -0.05
C ILE A 718 -2.05 -4.12 -0.66
N ALA A 719 -2.42 -3.78 -1.89
CA ALA A 719 -3.50 -4.46 -2.56
C ALA A 719 -2.96 -5.46 -3.56
N MET A 720 -3.77 -6.46 -3.88
CA MET A 720 -3.39 -7.50 -4.82
C MET A 720 -3.67 -7.08 -6.28
N GLY A 721 -2.76 -7.42 -7.20
CA GLY A 721 -2.97 -7.07 -8.58
C GLY A 721 -4.27 -7.70 -9.06
N SER A 722 -4.52 -8.92 -8.57
CA SER A 722 -5.72 -9.65 -8.91
C SER A 722 -6.97 -9.17 -8.15
N GLY A 723 -6.76 -8.42 -7.06
CA GLY A 723 -7.84 -7.91 -6.22
C GLY A 723 -8.74 -6.83 -6.80
N THR A 724 -9.86 -6.58 -6.13
CA THR A 724 -10.85 -5.60 -6.57
C THR A 724 -10.24 -4.24 -6.85
N ALA A 725 -10.97 -3.41 -7.58
CA ALA A 725 -10.47 -2.08 -7.91
C ALA A 725 -10.57 -1.16 -6.71
N VAL A 726 -11.62 -1.33 -5.92
CA VAL A 726 -11.77 -0.49 -4.75
C VAL A 726 -10.60 -0.73 -3.84
N ALA A 727 -10.25 -1.99 -3.65
CA ALA A 727 -9.11 -2.33 -2.79
C ALA A 727 -7.85 -1.61 -3.26
N LYS A 728 -7.62 -1.65 -4.56
CA LYS A 728 -6.43 -1.02 -5.12
C LYS A 728 -6.44 0.46 -4.89
N THR A 729 -7.53 1.12 -5.24
CA THR A 729 -7.60 2.56 -5.06
C THR A 729 -7.50 2.98 -3.60
N ALA A 730 -7.53 2.01 -2.69
CA ALA A 730 -7.48 2.32 -1.27
C ALA A 730 -6.09 2.10 -0.73
N SER A 731 -5.27 1.38 -1.47
CA SER A 731 -3.93 1.09 -1.02
C SER A 731 -2.86 1.98 -1.66
N GLU A 732 -1.71 2.07 -1.01
CA GLU A 732 -0.61 2.90 -1.51
C GLU A 732 0.20 2.15 -2.56
N MET A 733 0.22 0.83 -2.45
CA MET A 733 0.96 0.03 -3.41
C MET A 733 0.20 -1.24 -3.83
N VAL A 734 0.48 -1.72 -5.04
CA VAL A 734 -0.17 -2.92 -5.54
C VAL A 734 0.83 -4.01 -5.96
N LEU A 735 0.51 -5.27 -5.70
CA LEU A 735 1.42 -6.35 -6.08
C LEU A 735 0.94 -7.08 -7.31
N ALA A 736 1.55 -6.81 -8.46
CA ALA A 736 1.13 -7.48 -9.69
C ALA A 736 1.10 -8.99 -9.45
N ASP A 737 2.23 -9.57 -9.05
CA ASP A 737 2.30 -11.01 -8.79
C ASP A 737 1.69 -11.46 -7.47
N ASP A 738 1.08 -10.54 -6.72
CA ASP A 738 0.47 -10.88 -5.43
C ASP A 738 1.46 -11.54 -4.48
N ASN A 739 2.69 -11.70 -4.95
CA ASN A 739 3.76 -12.34 -4.18
C ASN A 739 4.26 -11.51 -2.99
N PHE A 740 4.17 -12.06 -1.80
CA PHE A 740 4.63 -11.36 -0.61
C PHE A 740 6.06 -10.84 -0.76
N SER A 741 6.94 -11.65 -1.35
CA SER A 741 8.33 -11.26 -1.53
C SER A 741 8.51 -9.95 -2.30
N THR A 742 7.51 -9.59 -2.94
CA THR A 742 7.56 -8.35 -3.69
C THR A 742 7.48 -7.21 -2.70
N ILE A 743 6.76 -7.46 -1.60
CA ILE A 743 6.62 -6.45 -0.57
C ILE A 743 8.01 -6.14 -0.08
N VAL A 744 8.67 -7.15 0.48
CA VAL A 744 10.03 -7.00 0.99
C VAL A 744 10.97 -6.26 0.02
N ALA A 745 10.73 -6.64 -1.33
CA ALA A 745 11.57 -5.97 -2.33
C ALA A 745 11.24 -4.49 -2.31
N ALA A 746 9.96 -4.18 -2.31
CA ALA A 746 9.54 -2.80 -2.30
C ALA A 746 10.13 -2.06 -1.09
N VAL A 747 9.98 -2.61 0.11
CA VAL A 747 10.51 -1.99 1.32
C VAL A 747 11.99 -1.67 1.22
N GLU A 748 12.76 -2.58 0.64
CA GLU A 748 14.20 -2.37 0.48
C GLU A 748 14.52 -1.16 -0.41
N GLU A 749 13.80 -0.97 -1.51
CA GLU A 749 14.03 0.18 -2.38
C GLU A 749 13.68 1.46 -1.63
N GLY A 750 12.76 1.34 -0.67
CA GLY A 750 12.35 2.48 0.10
C GLY A 750 13.48 2.95 0.99
N ARG A 751 14.20 2.00 1.55
CA ARG A 751 15.33 2.33 2.39
C ARG A 751 16.46 2.90 1.52
N ALA A 752 16.56 2.36 0.30
CA ALA A 752 17.57 2.82 -0.64
C ALA A 752 17.25 4.23 -1.12
N ILE A 753 15.99 4.46 -1.47
CA ILE A 753 15.56 5.75 -1.94
C ILE A 753 15.74 6.83 -0.89
N TYR A 754 15.29 6.56 0.33
CA TYR A 754 15.42 7.55 1.41
C TYR A 754 16.85 7.81 1.77
N ASN A 755 17.72 6.86 1.53
CA ASN A 755 19.11 7.09 1.87
C ASN A 755 19.73 8.16 0.98
N ASN A 756 19.56 8.01 -0.33
CA ASN A 756 20.08 8.98 -1.29
C ASN A 756 19.30 10.28 -1.19
N MET A 757 17.99 10.13 -1.14
CA MET A 757 17.11 11.27 -1.03
C MET A 757 17.56 12.07 0.18
N LYS A 758 17.90 11.35 1.25
CA LYS A 758 18.37 11.96 2.50
C LYS A 758 19.50 12.94 2.26
N GLN A 759 20.51 12.50 1.52
CA GLN A 759 21.67 13.32 1.24
C GLN A 759 21.43 14.56 0.43
N PHE A 760 20.80 14.43 -0.73
CA PHE A 760 20.59 15.63 -1.53
C PHE A 760 19.75 16.64 -0.77
N ILE A 761 18.98 16.19 0.21
CA ILE A 761 18.21 17.16 0.96
C ILE A 761 19.14 17.91 1.88
N ARG A 762 20.08 17.21 2.49
CA ARG A 762 21.06 17.84 3.39
C ARG A 762 21.94 18.81 2.60
N TYR A 763 22.21 18.44 1.35
CA TYR A 763 23.02 19.21 0.43
C TYR A 763 22.36 20.52 0.06
N LEU A 764 21.16 20.45 -0.49
CA LEU A 764 20.45 21.65 -0.89
C LEU A 764 20.18 22.53 0.30
N ILE A 765 19.98 21.94 1.47
CA ILE A 765 19.73 22.76 2.64
C ILE A 765 20.95 23.58 3.07
N SER A 766 22.11 22.94 3.18
CA SER A 766 23.32 23.64 3.60
C SER A 766 23.61 24.85 2.70
N SER A 767 23.46 24.66 1.38
CA SER A 767 23.72 25.74 0.45
C SER A 767 22.78 26.90 0.78
N ASN A 768 21.53 26.59 1.09
CA ASN A 768 20.62 27.66 1.44
C ASN A 768 21.13 28.35 2.71
N VAL A 769 21.71 27.57 3.63
CA VAL A 769 22.22 28.17 4.85
C VAL A 769 23.33 29.17 4.52
N GLY A 770 24.31 28.71 3.75
CA GLY A 770 25.40 29.57 3.38
C GLY A 770 24.97 30.80 2.61
N GLU A 771 23.97 30.63 1.74
CA GLU A 771 23.47 31.76 0.97
C GLU A 771 23.01 32.82 1.95
N VAL A 772 22.19 32.41 2.92
CA VAL A 772 21.69 33.33 3.93
C VAL A 772 22.82 34.06 4.65
N VAL A 773 23.83 33.31 5.07
CA VAL A 773 24.98 33.92 5.75
C VAL A 773 25.48 35.10 4.92
N CYS A 774 25.70 34.86 3.64
CA CYS A 774 26.16 35.88 2.72
C CYS A 774 25.29 37.12 2.86
N ILE A 775 23.99 36.96 2.58
CA ILE A 775 23.05 38.08 2.68
C ILE A 775 23.12 38.76 4.03
N PHE A 776 23.28 37.98 5.10
CA PHE A 776 23.36 38.54 6.43
C PHE A 776 24.56 39.42 6.61
N LEU A 777 25.70 39.01 6.05
CA LEU A 777 26.90 39.83 6.18
C LEU A 777 26.77 41.04 5.28
N THR A 778 26.23 40.81 4.09
CA THR A 778 26.05 41.88 3.13
C THR A 778 25.34 43.04 3.78
N ALA A 779 24.31 42.74 4.56
CA ALA A 779 23.53 43.77 5.22
C ALA A 779 24.09 44.15 6.59
N ALA A 780 24.73 43.19 7.25
CA ALA A 780 25.29 43.45 8.57
C ALA A 780 26.48 44.40 8.46
N LEU A 781 27.05 44.50 7.26
CA LEU A 781 28.19 45.38 7.04
C LEU A 781 27.87 46.52 6.08
N GLY A 782 26.66 46.50 5.53
CA GLY A 782 26.24 47.54 4.60
C GLY A 782 26.97 47.54 3.25
N LEU A 783 27.45 46.39 2.81
CA LEU A 783 28.16 46.26 1.54
C LEU A 783 27.21 46.25 0.36
N PRO A 784 27.77 46.28 -0.86
CA PRO A 784 26.95 46.24 -2.08
C PRO A 784 26.42 44.81 -2.28
N GLU A 785 25.21 44.67 -2.83
CA GLU A 785 24.64 43.35 -3.07
C GLU A 785 25.63 42.39 -3.74
N ALA A 786 26.16 41.45 -2.96
CA ALA A 786 27.08 40.46 -3.49
C ALA A 786 26.34 39.47 -4.41
N LEU A 787 25.17 38.99 -3.97
CA LEU A 787 24.36 38.06 -4.76
C LEU A 787 22.95 38.61 -4.91
N ILE A 788 22.38 38.44 -6.10
CA ILE A 788 21.04 38.93 -6.41
C ILE A 788 19.97 37.82 -6.53
N PRO A 789 18.72 38.14 -6.13
CA PRO A 789 17.61 37.18 -6.18
C PRO A 789 17.59 36.35 -7.44
N VAL A 790 17.65 37.03 -8.58
CA VAL A 790 17.62 36.36 -9.87
C VAL A 790 18.68 35.28 -9.96
N GLN A 791 19.89 35.63 -9.56
CA GLN A 791 21.00 34.68 -9.59
C GLN A 791 20.72 33.47 -8.68
N LEU A 792 20.47 33.77 -7.41
CA LEU A 792 20.22 32.75 -6.40
C LEU A 792 19.25 31.68 -6.84
N LEU A 793 18.13 32.08 -7.43
CA LEU A 793 17.13 31.12 -7.89
C LEU A 793 17.73 30.18 -8.92
N TRP A 794 18.53 30.72 -9.82
CA TRP A 794 19.17 29.91 -10.83
C TRP A 794 19.98 28.84 -10.12
N VAL A 795 20.87 29.28 -9.24
CA VAL A 795 21.69 28.33 -8.50
C VAL A 795 20.87 27.32 -7.72
N ASN A 796 19.71 27.74 -7.22
CA ASN A 796 18.87 26.86 -6.44
C ASN A 796 17.97 25.93 -7.24
N LEU A 797 17.61 26.32 -8.46
CA LEU A 797 16.77 25.43 -9.24
C LEU A 797 17.62 24.60 -10.18
N VAL A 798 18.65 25.20 -10.77
CA VAL A 798 19.49 24.51 -11.74
C VAL A 798 20.93 24.17 -11.38
N THR A 799 21.74 25.16 -11.05
CA THR A 799 23.13 24.92 -10.71
C THR A 799 23.29 23.89 -9.58
N ASP A 800 22.30 23.79 -8.70
CA ASP A 800 22.36 22.82 -7.61
C ASP A 800 21.36 21.69 -7.83
N GLY A 801 20.40 21.92 -8.72
CA GLY A 801 19.38 20.93 -9.00
C GLY A 801 19.95 19.67 -9.61
N LEU A 802 20.85 19.86 -10.56
CA LEU A 802 21.49 18.74 -11.23
C LEU A 802 22.28 17.90 -10.23
N PRO A 803 23.27 18.49 -9.54
CA PRO A 803 24.05 17.71 -8.57
C PRO A 803 23.11 17.01 -7.58
N ALA A 804 22.09 17.74 -7.16
CA ALA A 804 21.12 17.22 -6.21
C ALA A 804 20.46 15.94 -6.69
N THR A 805 19.75 16.00 -7.82
CA THR A 805 19.06 14.80 -8.29
C THR A 805 20.02 13.66 -8.53
N ALA A 806 21.24 13.97 -8.97
CA ALA A 806 22.25 12.93 -9.22
C ALA A 806 22.61 12.22 -7.91
N LEU A 807 22.69 12.98 -6.82
CA LEU A 807 22.96 12.40 -5.50
C LEU A 807 21.87 11.37 -5.15
N GLY A 808 20.78 11.38 -5.91
CA GLY A 808 19.70 10.45 -5.67
C GLY A 808 20.05 9.09 -6.24
N PHE A 809 21.15 9.03 -7.00
CA PHE A 809 21.58 7.77 -7.59
C PHE A 809 22.82 7.23 -6.92
N ASN A 810 22.99 7.53 -5.65
CA ASN A 810 24.14 7.05 -4.95
C ASN A 810 24.07 5.55 -4.75
N PRO A 811 25.21 4.86 -4.91
CA PRO A 811 25.25 3.41 -4.73
C PRO A 811 24.74 3.08 -3.33
N PRO A 812 23.74 2.21 -3.27
CA PRO A 812 23.10 1.77 -2.02
C PRO A 812 24.05 1.02 -1.08
N ASP A 813 23.90 1.21 0.22
CA ASP A 813 24.74 0.50 1.19
C ASP A 813 24.47 -0.99 1.11
N LEU A 814 25.51 -1.80 1.27
CA LEU A 814 25.36 -3.24 1.18
C LEU A 814 24.53 -3.81 2.32
N ASP A 815 24.62 -3.18 3.49
CA ASP A 815 23.90 -3.65 4.67
C ASP A 815 22.52 -3.02 4.93
N ILE A 816 21.96 -2.33 3.94
CA ILE A 816 20.67 -1.67 4.11
C ILE A 816 19.61 -2.51 4.81
N MET A 817 19.61 -3.81 4.55
CA MET A 817 18.63 -4.68 5.15
C MET A 817 19.06 -5.33 6.45
N ASP A 818 20.29 -5.07 6.88
CA ASP A 818 20.76 -5.66 8.12
C ASP A 818 20.62 -4.69 9.29
N ARG A 819 19.95 -3.57 9.01
CA ARG A 819 19.71 -2.57 10.03
C ARG A 819 18.22 -2.45 10.26
N PRO A 820 17.79 -2.22 11.50
CA PRO A 820 16.38 -2.08 11.86
C PRO A 820 15.64 -0.97 11.09
N PRO A 821 14.33 -0.85 11.31
CA PRO A 821 13.60 0.21 10.59
C PRO A 821 13.90 1.60 11.15
N ARG A 822 14.01 2.56 10.24
CA ARG A 822 14.29 3.95 10.60
C ARG A 822 13.22 4.54 11.48
N SER A 823 13.60 5.45 12.37
CA SER A 823 12.61 6.09 13.21
C SER A 823 12.06 7.28 12.40
N PRO A 824 10.72 7.40 12.28
CA PRO A 824 10.12 8.49 11.53
C PRO A 824 10.48 9.86 12.11
N LYS A 825 10.55 9.91 13.44
CA LYS A 825 10.86 11.15 14.14
C LYS A 825 12.32 11.58 14.06
N GLU A 826 13.14 10.78 13.38
CA GLU A 826 14.55 11.10 13.22
C GLU A 826 14.71 12.37 12.42
N PRO A 827 15.35 13.40 13.01
CA PRO A 827 15.56 14.67 12.30
C PRO A 827 16.64 14.47 11.24
N LEU A 828 16.62 15.28 10.18
CA LEU A 828 17.59 15.17 9.09
C LEU A 828 18.93 15.84 9.38
N ILE A 829 18.92 16.86 10.22
CA ILE A 829 20.15 17.55 10.56
C ILE A 829 20.13 17.95 12.03
N SER A 830 21.04 17.38 12.80
CA SER A 830 21.14 17.69 14.22
C SER A 830 22.52 17.32 14.71
N GLY A 831 22.76 17.58 15.99
CA GLY A 831 24.04 17.26 16.57
C GLY A 831 25.21 17.67 15.70
N TRP A 832 26.27 16.89 15.76
CA TRP A 832 27.46 17.18 15.00
C TRP A 832 27.19 17.61 13.57
N LEU A 833 26.21 17.01 12.92
CA LEU A 833 25.94 17.40 11.55
C LEU A 833 25.49 18.86 11.48
N PHE A 834 24.61 19.23 12.39
CA PHE A 834 24.11 20.61 12.46
C PHE A 834 25.29 21.58 12.44
N PHE A 835 26.30 21.25 13.22
CA PHE A 835 27.49 22.08 13.33
C PHE A 835 28.32 22.18 12.06
N ARG A 836 28.46 21.08 11.35
CA ARG A 836 29.23 21.14 10.12
C ARG A 836 28.64 22.12 9.14
N TYR A 837 27.31 22.05 8.97
CA TYR A 837 26.62 22.95 8.05
C TYR A 837 26.59 24.33 8.65
N MET A 838 26.59 24.37 9.98
CA MET A 838 26.63 25.61 10.71
C MET A 838 27.96 26.24 10.29
N ALA A 839 28.99 25.41 10.13
CA ALA A 839 30.32 25.89 9.75
C ALA A 839 30.51 26.06 8.26
N ILE A 840 29.93 25.14 7.47
CA ILE A 840 30.06 25.22 6.03
C ILE A 840 29.35 26.47 5.51
N GLY A 841 28.14 26.69 6.03
CA GLY A 841 27.39 27.85 5.62
C GLY A 841 28.18 29.06 6.05
N GLY A 842 28.62 29.02 7.31
CA GLY A 842 29.42 30.12 7.82
C GLY A 842 30.55 30.42 6.87
N TYR A 843 31.06 29.38 6.21
CA TYR A 843 32.16 29.54 5.28
C TYR A 843 31.79 30.18 3.96
N VAL A 844 30.91 29.51 3.22
CA VAL A 844 30.49 30.02 1.92
C VAL A 844 29.92 31.42 2.08
N GLY A 845 29.36 31.70 3.26
CA GLY A 845 28.80 33.00 3.51
C GLY A 845 29.90 34.03 3.49
N ALA A 846 31.08 33.59 3.91
CA ALA A 846 32.26 34.44 3.94
C ALA A 846 32.88 34.47 2.55
N ALA A 847 33.05 33.30 1.95
CA ALA A 847 33.65 33.20 0.62
C ALA A 847 32.92 34.02 -0.43
N THR A 848 31.60 34.03 -0.37
CA THR A 848 30.77 34.78 -1.32
C THR A 848 30.87 36.28 -1.11
N VAL A 849 30.72 36.70 0.14
CA VAL A 849 30.78 38.11 0.50
C VAL A 849 32.16 38.68 0.20
N GLY A 850 33.19 37.98 0.67
CA GLY A 850 34.55 38.42 0.45
C GLY A 850 34.95 38.40 -1.01
N ALA A 851 34.57 37.34 -1.73
CA ALA A 851 34.92 37.22 -3.15
C ALA A 851 34.56 38.50 -3.94
N ALA A 852 33.41 39.07 -3.62
CA ALA A 852 32.95 40.27 -4.28
C ALA A 852 33.74 41.48 -3.81
N ALA A 853 33.88 41.63 -2.49
CA ALA A 853 34.62 42.75 -1.89
C ALA A 853 36.07 42.82 -2.39
N TRP A 854 36.68 41.65 -2.52
CA TRP A 854 38.05 41.52 -3.00
C TRP A 854 38.22 42.10 -4.40
N TRP A 855 37.13 42.24 -5.14
CA TRP A 855 37.24 42.80 -6.48
C TRP A 855 37.29 44.30 -6.38
N PHE A 856 36.49 44.84 -5.46
CA PHE A 856 36.49 46.27 -5.26
C PHE A 856 37.90 46.69 -4.86
N MET A 857 38.33 46.24 -3.68
CA MET A 857 39.66 46.55 -3.17
C MET A 857 40.56 45.33 -3.37
N TYR A 858 41.81 45.52 -3.80
CA TYR A 858 42.74 44.41 -4.00
C TYR A 858 42.82 43.78 -5.40
N ALA A 859 41.89 44.12 -6.28
CA ALA A 859 41.95 43.53 -7.61
C ALA A 859 42.57 44.51 -8.61
N GLU A 860 43.14 43.97 -9.69
CA GLU A 860 43.76 44.79 -10.73
C GLU A 860 42.74 45.36 -11.70
N ASP A 861 41.61 44.68 -11.80
CA ASP A 861 40.52 45.11 -12.68
C ASP A 861 39.73 46.18 -11.96
N GLY A 862 39.58 45.99 -10.66
CA GLY A 862 38.79 46.90 -9.86
C GLY A 862 39.54 47.94 -9.07
N PRO A 863 38.91 49.09 -8.87
CA PRO A 863 39.41 50.27 -8.16
C PRO A 863 39.58 50.01 -6.65
N GLY A 864 40.83 49.77 -6.24
CA GLY A 864 41.11 49.52 -4.84
C GLY A 864 40.60 50.59 -3.89
N VAL A 865 39.45 50.32 -3.27
CA VAL A 865 38.86 51.21 -2.27
C VAL A 865 39.45 50.71 -0.94
N THR A 866 40.46 49.84 -1.10
CA THR A 866 41.20 49.14 -0.04
C THR A 866 41.27 49.76 1.34
N TYR A 867 40.76 49.04 2.32
CA TYR A 867 40.80 49.47 3.71
C TYR A 867 40.19 50.86 3.89
N HIS A 868 39.12 51.12 3.16
CA HIS A 868 38.42 52.39 3.25
C HIS A 868 36.98 52.02 2.94
N GLN A 869 36.08 52.59 3.72
CA GLN A 869 34.66 52.32 3.57
C GLN A 869 34.14 52.18 2.16
N LEU A 870 34.02 50.92 1.77
CA LEU A 870 33.45 50.55 0.50
C LEU A 870 31.99 50.57 0.98
N THR A 871 31.88 50.30 2.29
CA THR A 871 30.64 50.23 3.05
C THR A 871 29.71 51.44 2.94
N HIS A 872 30.24 52.65 3.07
CA HIS A 872 29.39 53.84 3.00
C HIS A 872 29.10 54.23 1.55
N PHE A 873 29.31 53.29 0.65
CA PHE A 873 29.11 53.48 -0.78
C PHE A 873 27.82 54.15 -1.17
N MET A 874 26.78 54.05 -0.35
CA MET A 874 25.50 54.67 -0.69
C MET A 874 25.58 56.19 -0.65
N GLN A 875 26.24 56.70 0.38
CA GLN A 875 26.43 58.14 0.49
C GLN A 875 27.73 58.32 -0.28
N CYS A 876 27.60 58.63 -1.57
CA CYS A 876 28.78 58.73 -2.37
C CYS A 876 28.86 59.90 -3.33
N THR A 877 27.83 60.10 -4.18
CA THR A 877 27.88 61.23 -5.13
C THR A 877 28.02 62.57 -4.41
N GLU A 878 27.49 62.62 -3.19
CA GLU A 878 27.54 63.82 -2.35
C GLU A 878 28.90 63.98 -1.65
N ASP A 879 29.26 62.94 -0.88
CA ASP A 879 30.49 62.88 -0.08
C ASP A 879 31.79 62.66 -0.88
N HIS A 880 31.70 62.63 -2.22
CA HIS A 880 32.91 62.35 -3.00
C HIS A 880 34.13 63.20 -2.67
N PRO A 881 33.94 64.50 -2.37
CA PRO A 881 35.16 65.27 -2.06
C PRO A 881 35.86 64.65 -0.84
N HIS A 882 35.12 63.81 -0.13
CA HIS A 882 35.63 63.13 1.06
C HIS A 882 35.65 61.61 0.86
N PHE A 883 36.85 61.07 0.72
CA PHE A 883 37.02 59.64 0.55
C PHE A 883 36.38 59.03 -0.71
N GLU A 884 36.19 59.83 -1.75
CA GLU A 884 35.64 59.32 -3.02
C GLU A 884 36.12 60.06 -4.28
N GLY A 885 37.42 59.92 -4.58
CA GLY A 885 37.95 60.57 -5.77
C GLY A 885 37.72 59.71 -7.02
N LEU A 886 36.61 58.97 -7.04
CA LEU A 886 36.29 58.08 -8.17
C LEU A 886 34.79 58.13 -8.52
N ASP A 887 34.38 57.32 -9.49
CA ASP A 887 32.98 57.30 -9.92
C ASP A 887 32.05 56.45 -9.06
N CYS A 888 31.03 57.08 -8.49
CA CYS A 888 30.06 56.37 -7.65
C CYS A 888 29.11 55.52 -8.48
N GLU A 889 29.65 54.51 -9.15
CA GLU A 889 28.84 53.62 -9.98
C GLU A 889 29.55 52.28 -10.07
N ILE A 890 30.80 52.24 -9.61
CA ILE A 890 31.58 51.01 -9.62
C ILE A 890 30.75 49.95 -8.94
N PHE A 891 30.14 50.37 -7.82
CA PHE A 891 29.31 49.51 -6.99
C PHE A 891 28.21 48.77 -7.74
N GLU A 892 27.72 49.35 -8.82
CA GLU A 892 26.70 48.68 -9.61
C GLU A 892 27.34 47.60 -10.49
N ALA A 893 28.67 47.66 -10.62
CA ALA A 893 29.43 46.73 -11.46
C ALA A 893 29.08 45.24 -11.32
N PRO A 894 29.17 44.49 -12.43
CA PRO A 894 28.89 43.06 -12.55
C PRO A 894 30.02 42.14 -12.10
N GLU A 895 31.26 42.55 -12.36
CA GLU A 895 32.42 41.75 -11.98
C GLU A 895 32.26 41.21 -10.57
N PRO A 896 32.08 42.11 -9.58
CA PRO A 896 31.92 41.69 -8.18
C PRO A 896 30.88 40.59 -7.96
N MET A 897 29.66 40.80 -8.40
CA MET A 897 28.63 39.78 -8.25
C MET A 897 29.04 38.53 -8.98
N THR A 898 29.51 38.69 -10.21
CA THR A 898 29.94 37.56 -11.02
C THR A 898 31.06 36.81 -10.32
N MET A 899 31.66 37.44 -9.31
CA MET A 899 32.72 36.80 -8.55
C MET A 899 32.10 35.88 -7.52
N ALA A 900 31.30 36.45 -6.64
CA ALA A 900 30.63 35.65 -5.61
C ALA A 900 29.81 34.53 -6.23
N LEU A 901 29.03 34.85 -7.25
CA LEU A 901 28.21 33.85 -7.88
C LEU A 901 29.05 32.70 -8.42
N SER A 902 30.30 32.98 -8.77
CA SER A 902 31.17 31.93 -9.27
C SER A 902 31.76 31.13 -8.13
N VAL A 903 32.09 31.81 -7.02
CA VAL A 903 32.64 31.10 -5.88
C VAL A 903 31.54 30.23 -5.30
N LEU A 904 30.31 30.75 -5.32
CA LEU A 904 29.16 29.99 -4.81
C LEU A 904 29.01 28.75 -5.68
N VAL A 905 28.88 28.96 -6.99
CA VAL A 905 28.74 27.85 -7.89
C VAL A 905 29.83 26.81 -7.71
N THR A 906 31.09 27.20 -7.70
CA THR A 906 32.13 26.17 -7.52
C THR A 906 32.11 25.55 -6.12
N ILE A 907 31.75 26.32 -5.10
CA ILE A 907 31.70 25.75 -3.76
C ILE A 907 30.54 24.79 -3.60
N GLU A 908 29.52 24.94 -4.44
CA GLU A 908 28.39 24.04 -4.34
C GLU A 908 28.62 22.76 -5.10
N MET A 909 29.57 22.76 -6.03
CA MET A 909 29.87 21.53 -6.75
C MET A 909 30.79 20.73 -5.84
N CYS A 910 31.60 21.46 -5.06
CA CYS A 910 32.53 20.84 -4.13
C CYS A 910 31.79 20.24 -2.97
N ASN A 911 30.74 20.95 -2.56
CA ASN A 911 29.93 20.51 -1.45
C ASN A 911 29.02 19.35 -1.90
N ALA A 912 28.93 19.16 -3.20
CA ALA A 912 28.12 18.08 -3.76
C ALA A 912 28.92 16.78 -3.70
N LEU A 913 30.24 16.89 -3.69
CA LEU A 913 31.12 15.72 -3.62
C LEU A 913 31.24 15.32 -2.17
N ASN A 914 31.21 16.32 -1.29
CA ASN A 914 31.29 16.09 0.14
C ASN A 914 30.02 15.40 0.62
N SER A 915 28.97 15.46 -0.20
CA SER A 915 27.67 14.89 0.15
C SER A 915 27.47 13.45 -0.33
N LEU A 916 28.55 12.85 -0.84
CA LEU A 916 28.50 11.48 -1.32
C LEU A 916 28.43 10.50 -0.15
N SER A 917 28.83 11.00 1.00
CA SER A 917 28.82 10.22 2.23
C SER A 917 28.79 11.16 3.43
N GLU A 918 27.91 10.88 4.39
CA GLU A 918 27.81 11.73 5.56
C GLU A 918 29.16 11.81 6.28
N ASN A 919 29.79 10.66 6.51
CA ASN A 919 31.07 10.67 7.21
C ASN A 919 32.27 10.06 6.53
N GLN A 920 32.12 9.49 5.34
CA GLN A 920 33.28 8.90 4.69
C GLN A 920 34.06 9.90 3.87
N SER A 921 35.37 9.92 4.06
CA SER A 921 36.24 10.84 3.33
C SER A 921 36.21 10.54 1.84
N LEU A 922 36.51 11.54 1.02
CA LEU A 922 36.52 11.33 -0.41
C LEU A 922 37.69 10.44 -0.78
N MET A 923 38.77 10.57 -0.01
CA MET A 923 39.96 9.78 -0.23
C MET A 923 39.60 8.32 -0.09
N ARG A 924 38.50 8.05 0.62
CA ARG A 924 38.04 6.68 0.77
C ARG A 924 36.90 6.42 -0.23
N MET A 925 35.85 7.24 -0.19
CA MET A 925 34.74 7.07 -1.12
C MET A 925 34.93 8.11 -2.22
N PRO A 926 35.83 7.84 -3.16
CA PRO A 926 36.07 8.81 -4.23
C PRO A 926 34.83 9.27 -4.98
N PRO A 927 34.87 10.49 -5.52
CA PRO A 927 33.76 11.09 -6.27
C PRO A 927 33.37 10.22 -7.47
N TRP A 928 34.35 9.64 -8.16
CA TRP A 928 34.02 8.81 -9.32
C TRP A 928 33.07 7.65 -8.98
N VAL A 929 32.88 7.41 -7.70
CA VAL A 929 31.96 6.36 -7.25
C VAL A 929 30.58 6.53 -7.90
N ASN A 930 30.09 7.77 -7.96
CA ASN A 930 28.80 8.09 -8.57
C ASN A 930 29.07 8.91 -9.82
N ILE A 931 28.99 8.27 -10.98
CA ILE A 931 29.25 8.96 -12.24
C ILE A 931 28.25 10.06 -12.49
N TRP A 932 26.96 9.75 -12.35
CA TRP A 932 25.94 10.75 -12.58
C TRP A 932 26.34 12.06 -11.91
N LEU A 933 26.86 11.96 -10.69
CA LEU A 933 27.26 13.17 -9.97
C LEU A 933 28.21 14.02 -10.80
N LEU A 934 29.37 13.47 -11.11
CA LEU A 934 30.38 14.19 -11.89
C LEU A 934 29.80 14.75 -13.19
N GLY A 935 29.05 13.91 -13.89
CA GLY A 935 28.45 14.35 -15.15
C GLY A 935 27.67 15.64 -14.99
N SER A 936 26.76 15.66 -14.02
CA SER A 936 25.93 16.84 -13.79
C SER A 936 26.77 18.03 -13.41
N ILE A 937 27.88 17.78 -12.71
CA ILE A 937 28.76 18.85 -12.30
C ILE A 937 29.35 19.54 -13.51
N CYS A 938 29.38 18.82 -14.61
CA CYS A 938 29.88 19.37 -15.85
C CYS A 938 28.76 20.14 -16.49
N LEU A 939 27.62 19.48 -16.59
CA LEU A 939 26.46 20.14 -17.17
C LEU A 939 26.22 21.47 -16.47
N SER A 940 26.37 21.47 -15.14
CA SER A 940 26.20 22.66 -14.30
C SER A 940 27.18 23.76 -14.63
N MET A 941 28.46 23.42 -14.62
CA MET A 941 29.48 24.39 -14.92
C MET A 941 29.25 25.06 -16.25
N SER A 942 29.08 24.24 -17.29
CA SER A 942 28.84 24.79 -18.64
C SER A 942 27.61 25.69 -18.63
N LEU A 943 26.61 25.33 -17.82
CA LEU A 943 25.40 26.12 -17.69
C LEU A 943 25.76 27.46 -17.08
N HIS A 944 26.62 27.43 -16.07
CA HIS A 944 27.11 28.66 -15.42
C HIS A 944 27.77 29.53 -16.47
N PHE A 945 28.62 28.91 -17.30
CA PHE A 945 29.34 29.62 -18.36
C PHE A 945 28.36 30.20 -19.36
N LEU A 946 27.34 29.43 -19.70
CA LEU A 946 26.30 29.87 -20.64
C LEU A 946 25.74 31.24 -20.22
N ILE A 947 25.27 31.34 -18.98
CA ILE A 947 24.72 32.59 -18.49
C ILE A 947 25.78 33.67 -18.30
N LEU A 948 27.05 33.33 -18.54
CA LEU A 948 28.11 34.33 -18.44
C LEU A 948 28.43 34.93 -19.80
N TYR A 949 28.39 34.09 -20.84
CA TYR A 949 28.71 34.57 -22.18
C TYR A 949 27.52 34.79 -23.12
N VAL A 950 26.78 33.75 -23.51
CA VAL A 950 25.65 33.97 -24.43
C VAL A 950 24.89 35.25 -24.14
N ASP A 951 25.27 36.26 -24.91
CA ASP A 951 24.76 37.62 -24.81
C ASP A 951 23.45 37.94 -24.07
N PRO A 952 22.30 37.51 -24.62
CA PRO A 952 21.10 37.88 -23.84
C PRO A 952 21.16 37.66 -22.31
N LEU A 953 21.71 36.52 -21.89
CA LEU A 953 21.77 36.16 -20.48
C LEU A 953 22.54 37.05 -19.49
N PRO A 954 23.85 37.25 -19.72
CA PRO A 954 24.67 38.07 -18.82
C PRO A 954 23.97 39.33 -18.34
N MET A 955 23.26 39.97 -19.26
CA MET A 955 22.57 41.23 -18.97
C MET A 955 21.50 41.17 -17.88
N ILE A 956 20.68 40.12 -17.90
CA ILE A 956 19.60 40.00 -16.91
C ILE A 956 20.06 39.53 -15.53
N PHE A 957 21.17 38.78 -15.50
CA PHE A 957 21.72 38.31 -14.24
C PHE A 957 22.68 39.30 -13.63
N LYS A 958 23.00 40.35 -14.39
CA LYS A 958 23.93 41.38 -13.93
C LYS A 958 25.31 40.72 -13.79
N LEU A 959 25.66 39.89 -14.78
CA LEU A 959 26.93 39.14 -14.75
C LEU A 959 27.83 39.39 -15.95
N LYS A 960 29.09 39.69 -15.68
CA LYS A 960 30.08 39.89 -16.73
C LYS A 960 31.17 38.84 -16.59
N ALA A 961 31.45 38.14 -17.68
CA ALA A 961 32.47 37.10 -17.71
C ALA A 961 33.77 37.58 -17.09
N LEU A 962 34.39 36.71 -16.30
CA LEU A 962 35.65 37.10 -15.71
C LEU A 962 36.78 36.30 -16.33
N ASP A 963 37.93 36.96 -16.45
CA ASP A 963 39.13 36.40 -17.06
C ASP A 963 39.77 35.26 -16.31
N LEU A 964 40.84 34.76 -16.90
CA LEU A 964 41.58 33.62 -16.40
C LEU A 964 42.27 33.80 -15.06
N THR A 965 42.48 35.04 -14.62
CA THR A 965 43.12 35.24 -13.33
C THR A 965 42.08 35.41 -12.22
N GLN A 966 40.97 36.05 -12.54
CA GLN A 966 39.91 36.26 -11.56
C GLN A 966 39.36 34.87 -11.21
N TRP A 967 39.23 34.03 -12.25
CA TRP A 967 38.73 32.66 -12.08
C TRP A 967 39.57 31.89 -11.07
N LEU A 968 40.89 31.93 -11.27
CA LEU A 968 41.81 31.26 -10.38
C LEU A 968 41.56 31.67 -8.94
N MET A 969 41.13 32.92 -8.74
CA MET A 969 40.82 33.41 -7.41
C MET A 969 39.59 32.66 -6.87
N VAL A 970 38.62 32.42 -7.75
CA VAL A 970 37.40 31.72 -7.37
C VAL A 970 37.81 30.39 -6.73
N LEU A 971 38.74 29.71 -7.39
CA LEU A 971 39.25 28.42 -6.94
C LEU A 971 39.95 28.49 -5.60
N LYS A 972 40.82 29.47 -5.45
CA LYS A 972 41.57 29.63 -4.22
C LYS A 972 40.59 29.88 -3.07
N ILE A 973 39.37 30.29 -3.41
CA ILE A 973 38.39 30.55 -2.38
C ILE A 973 37.51 29.33 -2.11
N SER A 974 36.92 28.79 -3.17
CA SER A 974 36.05 27.63 -3.03
C SER A 974 36.74 26.36 -2.50
N LEU A 975 37.58 25.74 -3.34
CA LEU A 975 38.29 24.51 -2.99
C LEU A 975 38.57 24.23 -1.51
N PRO A 976 39.04 25.24 -0.76
CA PRO A 976 39.30 24.99 0.65
C PRO A 976 38.14 24.29 1.35
N VAL A 977 36.95 24.39 0.77
CA VAL A 977 35.78 23.76 1.37
C VAL A 977 35.99 22.27 1.54
N ILE A 978 36.40 21.61 0.47
CA ILE A 978 36.63 20.18 0.55
C ILE A 978 37.49 19.82 1.74
N GLY A 979 38.55 20.59 1.97
CA GLY A 979 39.43 20.33 3.10
C GLY A 979 38.74 20.56 4.43
N LEU A 980 37.97 21.64 4.50
CA LEU A 980 37.25 21.99 5.71
C LEU A 980 36.34 20.85 6.11
N ASP A 981 35.74 20.20 5.12
CA ASP A 981 34.82 19.11 5.41
C ASP A 981 35.55 17.82 5.75
N GLU A 982 36.62 17.52 5.02
CA GLU A 982 37.40 16.31 5.29
C GLU A 982 37.78 16.29 6.75
N ILE A 983 38.19 17.45 7.23
CA ILE A 983 38.59 17.67 8.62
C ILE A 983 37.44 17.41 9.57
N LEU A 984 36.32 18.09 9.30
CA LEU A 984 35.10 17.97 10.11
C LEU A 984 34.58 16.53 10.08
N LYS A 985 34.79 15.84 8.97
CA LYS A 985 34.39 14.45 8.88
C LYS A 985 35.35 13.64 9.76
N PHE A 986 36.64 13.83 9.55
CA PHE A 986 37.64 13.11 10.31
C PHE A 986 37.29 13.18 11.79
N ILE A 987 36.79 14.33 12.23
CA ILE A 987 36.42 14.47 13.64
C ILE A 987 35.33 13.47 13.99
N ALA A 988 34.23 13.53 13.25
CA ALA A 988 33.11 12.60 13.48
C ALA A 988 33.68 11.20 13.52
N ARG A 989 34.35 10.84 12.42
CA ARG A 989 34.96 9.54 12.28
C ARG A 989 35.79 9.07 13.46
N ASN A 990 36.64 9.95 13.98
CA ASN A 990 37.60 9.57 15.01
C ASN A 990 37.22 9.71 16.49
N TYR A 991 36.59 10.81 16.90
CA TYR A 991 36.59 11.16 18.32
C TYR A 991 35.18 11.07 18.82
N LEU A 992 34.36 11.94 18.25
CA LEU A 992 32.95 11.95 18.61
C LEU A 992 32.54 10.55 18.31
N GLU A 993 31.67 10.00 19.16
CA GLU A 993 31.19 8.64 18.99
C GLU A 993 30.81 8.37 17.54
N GLY A 994 31.62 7.57 16.85
CA GLY A 994 31.37 7.23 15.46
C GLY A 994 32.60 6.69 14.76
CAB 1HT B . 22.23 34.49 9.37
CAR 1HT B . 23.11 33.89 10.42
CAU 1HT B . 23.19 32.40 10.45
CAV 1HT B . 22.64 31.69 11.68
CAW 1HT B . 22.53 30.18 11.64
CAX 1HT B . 21.13 29.72 11.96
CBA 1HT B . 20.97 28.26 12.32
CBL 1HT B . 20.64 27.32 11.16
OAL 1HT B . 20.75 27.80 10.04
OBD 1HT B . 19.72 26.31 11.42
CBT 1HT B . 18.85 25.92 10.46
CBV 1HT B . 18.43 24.49 10.63
CBX 1HT B . 18.99 23.36 9.63
OBG 1HT B . 20.28 23.71 9.87
CBI 1HT B . 21.43 23.28 9.25
OAJ 1HT B . 21.48 23.34 8.04
CAE 1HT B . 22.70 23.52 10.02
CAI 1HT B . 18.81 23.64 8.18
CBB 1HT B . 18.91 21.94 10.10
CBR 1HT B . 17.57 21.32 10.44
OBC 1HT B . 16.82 21.13 9.32
CBK 1HT B . 16.80 19.90 8.63
OAK 1HT B . 16.53 18.92 9.29
CAY 1HT B . 16.12 20.02 7.32
CAS 1HT B . 14.72 19.47 7.45
CAC 1HT B . 14.00 19.29 6.15
CBY 1HT B . 16.53 21.99 11.42
OBH 1HT B . 17.10 21.82 12.67
CBM 1HT B . 17.21 22.69 13.78
OAM 1HT B . 18.34 22.87 14.20
CAZ 1HT B . 16.20 22.48 14.89
CAT 1HT B . 15.46 23.66 15.46
CAD 1HT B . 14.44 23.45 16.55
CBW 1HT B . 15.19 21.41 11.49
CAH 1HT B . 15.10 20.04 12.15
OAP 1HT B . 14.67 21.24 10.23
CBP 1HT B . 14.37 22.50 12.11
OAO 1HT B . 13.27 22.96 11.44
OBF 1HT B . 15.26 23.61 12.14
CBU 1HT B . 16.08 23.36 11.07
CBQ 1HT B . 16.93 24.58 10.57
CBN 1HT B . 16.40 25.96 10.97
CAG 1HT B . 15.17 26.08 10.25
CBS 1HT B . 17.59 26.79 10.42
OBE 1HT B . 17.46 27.24 9.17
CBO 1HT B . 17.86 28.59 8.94
OAN 1HT B . 17.47 29.45 9.71
CBJ 1HT B . 18.43 29.06 7.50
CAF 1HT B . 19.69 30.03 7.58
CAQ 1HT B . 18.68 27.88 6.44
CAA 1HT B . 17.65 27.73 5.37
C1 PTY C . 7.12 21.66 -8.56
C2 PTY C . 2.27 21.11 -5.07
C3 PTY C . 3.68 20.78 -5.55
O4 PTY C . 8.25 22.31 -9.19
C5 PTY C . 7.05 19.34 -7.63
C6 PTY C . 7.23 20.18 -8.90
O7 PTY C . 8.54 19.93 -9.43
C8 PTY C . 8.49 19.05 -10.48
O10 PTY C . 7.42 18.60 -10.83
C11 PTY C . 9.79 18.67 -11.20
C12 PTY C . 9.51 18.30 -12.66
C30 PTY C . 8.17 23.73 -9.02
C31 PTY C . 8.03 24.39 -10.40
O30 PTY C . 9.41 24.18 -8.44
C32 PTY C . 9.38 24.91 -10.92
C33 PTY C . 10.41 23.81 -11.20
C34 PTY C . 11.71 24.45 -11.68
C35 PTY C . 12.79 23.41 -11.99
P1 PTY C . 5.37 18.76 -5.68
O11 PTY C . 4.01 19.44 -5.15
O12 PTY C . 6.51 19.02 -4.57
O13 PTY C . 5.23 17.32 -5.96
O14 PTY C . 5.79 19.61 -6.99
N1 PTY C . 2.21 20.99 -3.61
K K D . -3.38 4.43 3.97
#